data_5J58
#
_entry.id   5J58
#
_cell.length_a   86.970
_cell.length_b   106.030
_cell.length_c   207.310
_cell.angle_alpha   90.00
_cell.angle_beta   90.00
_cell.angle_gamma   90.00
#
_symmetry.space_group_name_H-M   'P 21 21 21'
#
loop_
_entity.id
_entity.type
_entity.pdbx_description
1 polymer 'Methionyl-tRNA synthetase, putative'
2 non-polymer METHIONINE
3 non-polymer GLYCEROL
4 non-polymer 'DIMETHYL SULFOXIDE'
5 non-polymer (3S)-1-(5-chloro-1H-imidazo[4,5-b]pyridin-2-yl)-N-[(3,5-dichlorophenyl)methyl]piperidin-3-amine
6 water water
#
_entity_poly.entity_id   1
_entity_poly.type   'polypeptide(L)'
_entity_poly.pdbx_seq_one_letter_code
;GPGSMKVEKVFFVTSPIYYVNAAPHIGHVYSTLITDVIGRYHRVKGERVFALTGTDEHGQKVAEAAKQKQVSPYDFTTAV
AGEFKKCFEQMDYSIDYFIRTTNEQHKAVVKELWTKLEQKGDIYLGRYEGWYSISDESFLTPQNITDGVDKDGNPCKVSL
ESGHVVTWVSEENYMFRLSAFRERLLEWYHANPGCIVPEFRRREVIRAVEKGLPDLSVSRARATLHNWAIPVPGNPDHCV
YVWLDALTNYLTGSRLRVDESGKEVSLVDDFNELERFPADVHVIGKDILKFHAIYWPAFLLSAGLPLPKKIVAHGWWTKD
RKKISKSLGNVFDPVEKAEEFGYDALKYFLLRESGFSDDGDYSDKNMIARLNGELADTLGNLVMRCTSAKINVNGEWPSP
AAYTEEDESLIQLIKDLPGTADHYYLIPDIQKAIIAVFDVLRAINAYVTDMAPWKLVKTDPERLRTVLYITLEGVRVTTL
LLSPILPRKSVVIFDMLGVPEVHRKGIENFEFGAVPPGTRLGPAVEGEVLFSKRSTENTKST
;
_entity_poly.pdbx_strand_id   A,B
#
loop_
_chem_comp.id
_chem_comp.type
_chem_comp.name
_chem_comp.formula
DMS non-polymer 'DIMETHYL SULFOXIDE' 'C2 H6 O S'
GOL non-polymer GLYCEROL 'C3 H8 O3'
N56 non-polymer (3S)-1-(5-chloro-1H-imidazo[4,5-b]pyridin-2-yl)-N-[(3,5-dichlorophenyl)methyl]piperidin-3-amine 'C18 H18 Cl3 N5'
#
# COMPACT_ATOMS: atom_id res chain seq x y z
N VAL A 7 -1.28 -24.17 -21.09
CA VAL A 7 -1.97 -25.45 -21.06
C VAL A 7 -3.00 -25.51 -19.96
N GLU A 8 -4.22 -25.87 -20.31
CA GLU A 8 -5.24 -26.02 -19.33
C GLU A 8 -5.08 -27.39 -18.81
N LYS A 9 -4.69 -27.44 -17.57
CA LYS A 9 -4.50 -28.68 -16.82
C LYS A 9 -5.10 -28.58 -15.43
N VAL A 10 -5.01 -29.66 -14.67
CA VAL A 10 -5.38 -29.63 -13.25
C VAL A 10 -4.21 -29.06 -12.48
N PHE A 11 -4.49 -28.04 -11.65
CA PHE A 11 -3.46 -27.42 -10.84
C PHE A 11 -3.05 -28.41 -9.76
N PHE A 12 -1.79 -28.80 -9.79
CA PHE A 12 -1.27 -29.86 -8.94
C PHE A 12 -0.30 -29.24 -7.92
N VAL A 13 -0.71 -29.26 -6.65
CA VAL A 13 0.05 -28.71 -5.55
C VAL A 13 0.25 -29.81 -4.50
N THR A 14 1.49 -29.91 -3.97
CA THR A 14 1.88 -31.00 -3.07
C THR A 14 2.49 -30.44 -1.81
N SER A 15 2.31 -31.20 -0.73
CA SER A 15 3.13 -31.07 0.48
C SER A 15 4.21 -32.13 0.38
N PRO A 16 5.24 -32.04 1.24
CA PRO A 16 6.11 -33.20 1.32
C PRO A 16 5.37 -34.32 2.04
N ILE A 17 5.77 -35.56 1.79
CA ILE A 17 5.26 -36.72 2.57
C ILE A 17 6.12 -36.93 3.81
N TYR A 18 5.49 -37.07 4.97
CA TYR A 18 6.18 -36.96 6.26
C TYR A 18 6.60 -38.31 6.81
N TYR A 19 7.77 -38.34 7.45
CA TYR A 19 8.22 -39.58 8.08
C TYR A 19 7.34 -39.91 9.25
N VAL A 20 7.07 -41.20 9.39
CA VAL A 20 6.17 -41.68 10.45
C VAL A 20 6.90 -42.21 11.68
N ASN A 21 8.16 -41.87 11.85
CA ASN A 21 8.86 -42.22 13.10
C ASN A 21 8.31 -41.57 14.36
N ALA A 22 7.69 -40.41 14.20
CA ALA A 22 7.13 -39.66 15.31
C ALA A 22 5.74 -39.20 14.93
N ALA A 23 5.07 -38.71 15.94
CA ALA A 23 3.70 -38.25 15.82
C ALA A 23 3.69 -36.93 15.04
N PRO A 24 2.53 -36.58 14.43
CA PRO A 24 2.42 -35.30 13.75
C PRO A 24 2.60 -34.11 14.71
N HIS A 25 3.16 -33.04 14.18
CA HIS A 25 3.50 -31.89 14.95
C HIS A 25 3.37 -30.65 14.04
N ILE A 26 3.69 -29.49 14.59
CA ILE A 26 3.49 -28.22 13.92
C ILE A 26 4.17 -28.10 12.54
N GLY A 27 5.42 -28.50 12.43
CA GLY A 27 6.14 -28.59 11.16
C GLY A 27 5.36 -29.18 10.01
N HIS A 28 4.67 -30.28 10.27
CA HIS A 28 3.91 -30.99 9.24
C HIS A 28 2.63 -30.23 8.92
N VAL A 29 1.99 -29.78 9.99
CA VAL A 29 0.77 -28.98 9.91
C VAL A 29 1.01 -27.68 9.10
N TYR A 30 2.18 -27.05 9.28
CA TYR A 30 2.51 -25.84 8.55
C TYR A 30 2.70 -26.14 7.07
N SER A 31 3.56 -27.11 6.77
CA SER A 31 3.83 -27.50 5.39
C SER A 31 2.53 -27.82 4.65
N THR A 32 1.66 -28.61 5.28
CA THR A 32 0.38 -29.01 4.67
C THR A 32 -0.63 -27.86 4.61
N LEU A 33 -0.57 -26.93 5.57
CA LEU A 33 -1.38 -25.71 5.53
C LEU A 33 -1.07 -24.85 4.29
N ILE A 34 0.21 -24.69 3.99
CA ILE A 34 0.64 -23.93 2.84
C ILE A 34 0.15 -24.61 1.58
N THR A 35 0.35 -25.91 1.49
CA THR A 35 -0.20 -26.71 0.41
C THR A 35 -1.71 -26.49 0.25
N ASP A 36 -2.42 -26.56 1.37
CA ASP A 36 -3.86 -26.42 1.37
C ASP A 36 -4.34 -25.04 0.91
N VAL A 37 -3.66 -23.99 1.38
CA VAL A 37 -4.01 -22.60 1.07
C VAL A 37 -3.86 -22.31 -0.43
N ILE A 38 -2.74 -22.75 -0.99
CA ILE A 38 -2.49 -22.65 -2.41
C ILE A 38 -3.60 -23.39 -3.15
N GLY A 39 -3.87 -24.61 -2.71
CA GLY A 39 -4.95 -25.39 -3.27
C GLY A 39 -6.26 -24.61 -3.28
N ARG A 40 -6.60 -24.04 -2.11
CA ARG A 40 -7.86 -23.31 -1.96
C ARG A 40 -7.88 -22.07 -2.88
N TYR A 41 -6.79 -21.30 -2.92
CA TYR A 41 -6.76 -20.11 -3.78
C TYR A 41 -7.09 -20.44 -5.23
N HIS A 42 -6.49 -21.49 -5.78
CA HIS A 42 -6.77 -21.89 -7.15
C HIS A 42 -8.19 -22.41 -7.36
N ARG A 43 -8.77 -23.04 -6.34
CA ARG A 43 -10.18 -23.41 -6.40
C ARG A 43 -11.10 -22.18 -6.41
N VAL A 44 -10.78 -21.19 -5.57
CA VAL A 44 -11.51 -19.90 -5.52
C VAL A 44 -11.40 -19.16 -6.85
N LYS A 45 -10.26 -19.31 -7.52
CA LYS A 45 -10.06 -18.78 -8.86
C LYS A 45 -10.88 -19.53 -9.94
N GLY A 46 -11.47 -20.67 -9.59
CA GLY A 46 -12.31 -21.45 -10.48
C GLY A 46 -11.57 -22.50 -11.28
N GLU A 47 -10.35 -22.82 -10.85
CA GLU A 47 -9.53 -23.84 -11.52
C GLU A 47 -9.78 -25.21 -10.94
N ARG A 48 -9.50 -26.26 -11.73
CA ARG A 48 -9.41 -27.65 -11.24
C ARG A 48 -8.13 -27.79 -10.43
N VAL A 49 -8.24 -28.44 -9.28
CA VAL A 49 -7.14 -28.57 -8.35
C VAL A 49 -7.00 -30.00 -7.88
N PHE A 50 -5.76 -30.45 -7.73
CA PHE A 50 -5.44 -31.70 -7.03
C PHE A 50 -4.32 -31.39 -6.03
N ALA A 51 -4.70 -31.35 -4.75
CA ALA A 51 -3.77 -31.09 -3.65
C ALA A 51 -3.43 -32.42 -3.01
N LEU A 52 -2.16 -32.65 -2.76
CA LEU A 52 -1.66 -33.94 -2.28
C LEU A 52 -0.84 -33.78 -1.00
N THR A 53 -1.05 -34.69 -0.05
CA THR A 53 -0.21 -34.81 1.14
C THR A 53 -0.06 -36.31 1.48
N GLY A 54 0.71 -36.64 2.52
CA GLY A 54 0.86 -38.04 2.90
C GLY A 54 2.02 -38.39 3.79
N THR A 55 2.31 -39.69 3.84
CA THR A 55 3.31 -40.24 4.75
C THR A 55 4.36 -41.05 4.01
N ASP A 56 5.58 -40.97 4.54
CA ASP A 56 6.78 -41.58 4.00
C ASP A 56 7.18 -42.66 5.02
N GLU A 57 6.94 -43.91 4.63
CA GLU A 57 6.80 -44.99 5.60
C GLU A 57 7.89 -46.05 5.58
N HIS A 58 8.71 -46.12 4.53
CA HIS A 58 9.83 -47.05 4.47
C HIS A 58 11.10 -46.44 5.06
N GLY A 59 12.16 -47.26 5.13
CA GLY A 59 13.49 -46.80 5.51
C GLY A 59 13.98 -47.24 6.87
N GLN A 60 15.27 -46.99 7.07
CA GLN A 60 16.02 -47.46 8.23
C GLN A 60 15.45 -46.80 9.48
N LYS A 61 15.29 -45.50 9.40
CA LYS A 61 14.72 -44.68 10.47
C LYS A 61 13.34 -45.07 10.98
N VAL A 62 12.42 -45.32 10.08
CA VAL A 62 11.08 -45.76 10.49
C VAL A 62 11.14 -47.14 11.13
N ALA A 63 11.92 -48.05 10.54
CA ALA A 63 12.05 -49.40 11.08
C ALA A 63 12.68 -49.37 12.46
N GLU A 64 13.71 -48.54 12.64
CA GLU A 64 14.35 -48.40 13.96
C GLU A 64 13.44 -47.74 15.01
N ALA A 65 12.58 -46.82 14.58
CA ALA A 65 11.58 -46.22 15.46
C ALA A 65 10.48 -47.22 15.87
N ALA A 66 10.12 -48.11 14.94
CA ALA A 66 9.17 -49.20 15.20
C ALA A 66 9.79 -50.24 16.13
N LYS A 67 11.09 -50.52 15.97
CA LYS A 67 11.80 -51.46 16.85
C LYS A 67 11.93 -50.91 18.28
N GLN A 68 12.19 -49.60 18.42
CA GLN A 68 12.18 -48.95 19.73
C GLN A 68 10.85 -48.99 20.46
N LYS A 69 9.75 -48.98 19.72
CA LYS A 69 8.41 -49.15 20.30
C LYS A 69 8.03 -50.64 20.52
N GLN A 70 8.90 -51.57 20.11
CA GLN A 70 8.64 -53.01 20.12
C GLN A 70 7.34 -53.40 19.41
N VAL A 71 7.15 -52.87 18.21
CA VAL A 71 6.02 -53.20 17.33
C VAL A 71 6.56 -53.48 15.92
N SER A 72 5.80 -54.23 15.10
CA SER A 72 6.19 -54.50 13.72
C SER A 72 6.12 -53.22 12.90
N PRO A 73 7.08 -53.02 11.96
CA PRO A 73 7.03 -51.83 11.10
C PRO A 73 5.67 -51.57 10.43
N TYR A 74 4.96 -52.62 10.02
CA TYR A 74 3.65 -52.46 9.36
C TYR A 74 2.61 -51.89 10.30
N ASP A 75 2.52 -52.45 11.50
CA ASP A 75 1.55 -51.96 12.49
C ASP A 75 1.82 -50.53 12.87
N PHE A 76 3.11 -50.24 13.08
CA PHE A 76 3.58 -48.92 13.49
C PHE A 76 3.29 -47.86 12.44
N THR A 77 3.60 -48.14 11.17
CA THR A 77 3.34 -47.18 10.10
C THR A 77 1.84 -46.91 9.97
N THR A 78 1.04 -47.97 9.93
CA THR A 78 -0.41 -47.85 9.85
C THR A 78 -0.98 -46.99 10.99
N ALA A 79 -0.49 -47.21 12.19
CA ALA A 79 -0.94 -46.44 13.35
C ALA A 79 -0.64 -44.96 13.17
N VAL A 80 0.62 -44.64 12.88
CA VAL A 80 1.09 -43.27 12.80
C VAL A 80 0.45 -42.56 11.60
N ALA A 81 0.37 -43.23 10.47
CA ALA A 81 -0.38 -42.69 9.33
C ALA A 81 -1.81 -42.29 9.75
N GLY A 82 -2.43 -43.10 10.61
CA GLY A 82 -3.74 -42.78 11.17
C GLY A 82 -3.75 -41.50 11.98
N GLU A 83 -2.72 -41.33 12.81
CA GLU A 83 -2.57 -40.12 13.59
C GLU A 83 -2.41 -38.90 12.68
N PHE A 84 -1.67 -39.06 11.58
CA PHE A 84 -1.48 -37.97 10.62
C PHE A 84 -2.80 -37.62 9.94
N LYS A 85 -3.50 -38.63 9.44
CA LYS A 85 -4.80 -38.43 8.78
C LYS A 85 -5.79 -37.72 9.68
N LYS A 86 -5.89 -38.17 10.92
CA LYS A 86 -6.77 -37.56 11.90
C LYS A 86 -6.40 -36.10 12.21
N CYS A 87 -5.10 -35.84 12.34
CA CYS A 87 -4.61 -34.47 12.57
C CYS A 87 -5.07 -33.54 11.45
N PHE A 88 -4.93 -33.99 10.19
CA PHE A 88 -5.30 -33.17 9.04
C PHE A 88 -6.81 -32.99 8.86
N GLU A 89 -7.59 -33.96 9.34
CA GLU A 89 -9.05 -33.79 9.42
C GLU A 89 -9.36 -32.77 10.50
N GLN A 90 -8.68 -32.87 11.64
CA GLN A 90 -8.90 -31.91 12.73
C GLN A 90 -8.58 -30.48 12.33
N MET A 91 -7.50 -30.31 11.59
CA MET A 91 -7.07 -28.99 11.09
C MET A 91 -7.94 -28.43 9.97
N ASP A 92 -8.91 -29.20 9.47
CA ASP A 92 -9.92 -28.70 8.53
C ASP A 92 -9.31 -28.28 7.18
N TYR A 93 -8.37 -29.10 6.70
CA TYR A 93 -7.80 -28.88 5.38
C TYR A 93 -8.78 -29.39 4.34
N SER A 94 -8.46 -29.12 3.09
CA SER A 94 -9.23 -29.60 1.97
C SER A 94 -8.26 -30.22 0.95
N ILE A 95 -7.50 -31.22 1.40
CA ILE A 95 -6.55 -31.93 0.57
C ILE A 95 -7.30 -33.03 -0.17
N ASP A 96 -7.00 -33.20 -1.45
CA ASP A 96 -7.73 -34.15 -2.29
C ASP A 96 -7.36 -35.61 -2.07
N TYR A 97 -6.10 -35.88 -1.75
CA TYR A 97 -5.66 -37.25 -1.47
C TYR A 97 -4.52 -37.32 -0.46
N PHE A 98 -4.57 -38.37 0.39
CA PHE A 98 -3.54 -38.72 1.34
C PHE A 98 -2.82 -40.00 0.86
N ILE A 99 -1.62 -39.84 0.31
CA ILE A 99 -0.84 -40.97 -0.19
C ILE A 99 0.04 -41.60 0.89
N ARG A 100 0.21 -42.91 0.84
CA ARG A 100 1.13 -43.64 1.71
C ARG A 100 2.08 -44.44 0.84
N THR A 101 3.36 -44.41 1.16
CA THR A 101 4.35 -45.12 0.34
C THR A 101 4.28 -46.66 0.44
N THR A 102 3.58 -47.18 1.47
CA THR A 102 3.29 -48.61 1.56
C THR A 102 2.20 -49.09 0.60
N ASN A 103 1.47 -48.14 0.00
CA ASN A 103 0.45 -48.43 -1.00
C ASN A 103 1.04 -49.23 -2.15
N GLU A 104 0.32 -50.26 -2.58
CA GLU A 104 0.82 -51.17 -3.61
C GLU A 104 0.97 -50.45 -4.94
N GLN A 105 0.05 -49.53 -5.26
CA GLN A 105 0.12 -48.76 -6.53
C GLN A 105 1.34 -47.86 -6.55
N HIS A 106 1.67 -47.28 -5.39
CA HIS A 106 2.90 -46.51 -5.27
C HIS A 106 4.12 -47.35 -5.60
N LYS A 107 4.20 -48.53 -5.00
CA LYS A 107 5.35 -49.41 -5.24
C LYS A 107 5.51 -49.75 -6.72
N ALA A 108 4.38 -49.97 -7.39
CA ALA A 108 4.37 -50.25 -8.83
C ALA A 108 5.02 -49.10 -9.60
N VAL A 109 4.63 -47.89 -9.26
CA VAL A 109 5.14 -46.69 -9.93
C VAL A 109 6.65 -46.56 -9.69
N VAL A 110 7.08 -46.85 -8.47
CA VAL A 110 8.51 -46.82 -8.15
C VAL A 110 9.30 -47.82 -9.02
N LYS A 111 8.83 -49.06 -9.09
CA LYS A 111 9.50 -50.09 -9.90
C LYS A 111 9.57 -49.70 -11.37
N GLU A 112 8.44 -49.19 -11.84
CA GLU A 112 8.30 -48.68 -13.19
C GLU A 112 9.30 -47.57 -13.47
N LEU A 113 9.40 -46.61 -12.55
CA LEU A 113 10.36 -45.50 -12.68
C LEU A 113 11.81 -45.99 -12.62
N TRP A 114 12.08 -46.85 -11.65
CA TRP A 114 13.42 -47.44 -11.51
C TRP A 114 13.86 -48.07 -12.82
N THR A 115 12.97 -48.89 -13.37
CA THR A 115 13.24 -49.61 -14.61
C THR A 115 13.55 -48.64 -15.77
N LYS A 116 12.81 -47.52 -15.88
CA LYS A 116 13.13 -46.51 -16.89
C LYS A 116 14.56 -45.97 -16.74
N LEU A 117 14.91 -45.58 -15.53
CA LEU A 117 16.24 -45.04 -15.26
C LEU A 117 17.31 -46.07 -15.62
N GLU A 118 17.05 -47.34 -15.32
CA GLU A 118 17.98 -48.42 -15.62
C GLU A 118 18.12 -48.61 -17.13
N GLN A 119 17.00 -48.74 -17.84
CA GLN A 119 16.99 -48.84 -19.32
C GLN A 119 17.68 -47.68 -20.02
N LYS A 120 17.48 -46.48 -19.50
CA LYS A 120 18.18 -45.26 -20.00
C LYS A 120 19.70 -45.25 -19.81
N GLY A 121 20.25 -46.19 -19.03
CA GLY A 121 21.69 -46.27 -18.77
C GLY A 121 22.15 -45.41 -17.61
N ASP A 122 21.19 -44.92 -16.81
CA ASP A 122 21.47 -43.94 -15.76
C ASP A 122 21.57 -44.54 -14.35
N ILE A 123 21.27 -45.85 -14.20
CA ILE A 123 21.61 -46.61 -12.98
C ILE A 123 22.70 -47.73 -13.21
N TYR A 124 23.78 -47.72 -12.43
CA TYR A 124 24.88 -48.72 -12.50
C TYR A 124 25.23 -49.27 -11.11
N LEU A 125 25.87 -50.43 -11.08
CA LEU A 125 26.29 -51.07 -9.82
C LEU A 125 27.68 -50.59 -9.43
N GLY A 126 27.78 -49.97 -8.25
CA GLY A 126 29.00 -49.40 -7.72
C GLY A 126 29.04 -49.48 -6.19
N ARG A 127 29.84 -48.62 -5.57
CA ARG A 127 29.89 -48.49 -4.10
C ARG A 127 29.57 -47.08 -3.60
N TYR A 128 28.95 -47.01 -2.42
CA TYR A 128 28.99 -45.80 -1.63
C TYR A 128 29.84 -46.10 -0.40
N GLU A 129 30.94 -45.35 -0.28
CA GLU A 129 31.78 -45.31 0.93
C GLU A 129 31.81 -43.87 1.42
N GLY A 130 31.06 -43.59 2.48
CA GLY A 130 30.99 -42.22 2.98
C GLY A 130 30.08 -42.07 4.17
N TRP A 131 29.75 -40.83 4.50
CA TRP A 131 28.89 -40.54 5.66
C TRP A 131 27.41 -40.56 5.26
N TYR A 132 26.57 -40.89 6.24
CA TYR A 132 25.13 -40.95 6.05
C TYR A 132 24.44 -40.55 7.35
N SER A 133 23.43 -39.69 7.27
CA SER A 133 22.57 -39.37 8.41
C SER A 133 21.31 -40.18 8.29
N ILE A 134 21.12 -41.14 9.19
CA ILE A 134 19.93 -42.01 9.14
C ILE A 134 18.66 -41.20 9.41
N SER A 135 18.76 -40.24 10.31
CA SER A 135 17.64 -39.36 10.63
C SER A 135 17.17 -38.48 9.47
N ASP A 136 18.11 -37.97 8.68
CA ASP A 136 17.78 -37.19 7.50
C ASP A 136 17.61 -38.06 6.26
N GLU A 137 18.04 -39.31 6.35
CA GLU A 137 18.10 -40.25 5.22
C GLU A 137 18.96 -39.68 4.08
N SER A 138 20.00 -38.95 4.47
CA SER A 138 20.80 -38.12 3.58
C SER A 138 22.26 -38.59 3.49
N PHE A 139 22.80 -38.64 2.27
CA PHE A 139 24.23 -38.84 2.03
C PHE A 139 24.97 -37.51 2.15
N LEU A 140 26.09 -37.50 2.88
CA LEU A 140 26.82 -36.28 3.19
C LEU A 140 28.29 -36.47 2.87
N THR A 141 28.93 -35.44 2.32
CA THR A 141 30.39 -35.44 2.10
C THR A 141 31.07 -35.03 3.41
N PRO A 142 32.40 -35.26 3.55
CA PRO A 142 33.05 -34.97 4.86
C PRO A 142 33.00 -33.49 5.28
N GLN A 143 32.88 -32.58 4.31
CA GLN A 143 32.74 -31.15 4.58
C GLN A 143 31.41 -30.80 5.28
N ASN A 144 30.40 -31.66 5.15
CA ASN A 144 29.11 -31.46 5.81
C ASN A 144 28.95 -32.13 7.18
N ILE A 145 30.05 -32.54 7.80
CA ILE A 145 30.01 -33.09 9.16
C ILE A 145 31.00 -32.37 10.09
N THR A 146 30.76 -32.48 11.39
CA THR A 146 31.61 -31.90 12.46
C THR A 146 31.45 -32.78 13.69
N ASP A 147 32.28 -32.54 14.69
CA ASP A 147 32.22 -33.26 15.97
C ASP A 147 31.00 -32.85 16.78
N GLY A 148 30.50 -33.77 17.60
CA GLY A 148 29.31 -33.54 18.37
C GLY A 148 29.02 -34.61 19.42
N VAL A 149 27.80 -34.55 19.95
CA VAL A 149 27.37 -35.39 21.06
C VAL A 149 26.03 -36.09 20.71
N ASP A 150 25.82 -37.26 21.31
CA ASP A 150 24.57 -38.00 21.16
C ASP A 150 23.88 -38.20 22.53
N LYS A 151 22.84 -39.04 22.58
CA LYS A 151 21.98 -39.15 23.75
C LYS A 151 22.60 -40.03 24.82
N ASP A 152 23.73 -40.69 24.51
CA ASP A 152 24.64 -41.28 25.52
C ASP A 152 25.85 -40.39 25.81
N GLY A 153 25.74 -39.09 25.53
CA GLY A 153 26.81 -38.13 25.79
C GLY A 153 28.18 -38.41 25.18
N ASN A 154 28.25 -39.29 24.18
CA ASN A 154 29.53 -39.77 23.65
C ASN A 154 30.02 -38.84 22.55
N PRO A 155 31.36 -38.80 22.34
CA PRO A 155 31.91 -38.03 21.23
C PRO A 155 31.69 -38.78 19.92
N CYS A 156 30.80 -38.26 19.09
CA CYS A 156 30.50 -38.82 17.78
C CYS A 156 30.62 -37.72 16.74
N LYS A 157 30.29 -38.05 15.49
CA LYS A 157 30.19 -37.08 14.41
C LYS A 157 28.72 -36.76 14.13
N VAL A 158 28.46 -35.52 13.70
CA VAL A 158 27.10 -35.04 13.42
C VAL A 158 27.03 -34.24 12.11
N SER A 159 25.81 -34.13 11.59
CA SER A 159 25.52 -33.40 10.36
C SER A 159 25.58 -31.90 10.61
N LEU A 160 26.23 -31.16 9.71
CA LEU A 160 26.25 -29.69 9.77
C LEU A 160 24.88 -29.12 9.45
N GLU A 161 24.20 -29.71 8.45
CA GLU A 161 22.78 -29.49 8.09
C GLU A 161 21.89 -29.48 9.34
N SER A 162 21.84 -30.62 10.03
CA SER A 162 20.77 -30.89 11.01
C SER A 162 21.19 -31.23 12.43
N GLY A 163 22.48 -31.43 12.66
CA GLY A 163 22.96 -31.86 13.98
C GLY A 163 22.64 -33.27 14.40
N HIS A 164 22.04 -34.08 13.53
CA HIS A 164 21.76 -35.50 13.84
C HIS A 164 23.00 -36.35 13.67
N VAL A 165 22.99 -37.54 14.26
CA VAL A 165 24.17 -38.41 14.24
C VAL A 165 24.40 -38.97 12.84
N VAL A 166 25.66 -38.95 12.41
CA VAL A 166 26.08 -39.57 11.14
C VAL A 166 26.90 -40.84 11.40
N THR A 167 26.90 -41.73 10.41
CA THR A 167 27.63 -42.98 10.49
C THR A 167 28.27 -43.24 9.14
N TRP A 168 29.43 -43.88 9.16
CA TRP A 168 30.11 -44.26 7.95
C TRP A 168 29.40 -45.49 7.38
N VAL A 169 29.18 -45.50 6.06
CA VAL A 169 28.54 -46.62 5.35
C VAL A 169 29.53 -47.10 4.31
N SER A 170 29.64 -48.41 4.12
CA SER A 170 30.48 -48.98 3.05
C SER A 170 29.76 -50.14 2.38
N GLU A 171 28.89 -49.80 1.44
CA GLU A 171 28.06 -50.76 0.74
C GLU A 171 28.20 -50.65 -0.76
N GLU A 172 28.28 -51.81 -1.40
CA GLU A 172 27.97 -51.95 -2.82
C GLU A 172 26.50 -51.56 -3.01
N ASN A 173 26.24 -50.61 -3.91
CA ASN A 173 24.94 -49.95 -4.05
C ASN A 173 24.71 -49.67 -5.54
N TYR A 174 23.45 -49.78 -5.99
CA TYR A 174 23.08 -49.19 -7.28
C TYR A 174 23.25 -47.68 -7.21
N MET A 175 23.84 -47.11 -8.26
CA MET A 175 24.23 -45.71 -8.30
C MET A 175 23.55 -45.02 -9.48
N PHE A 176 22.87 -43.90 -9.20
CA PHE A 176 22.29 -43.07 -10.23
C PHE A 176 23.32 -42.08 -10.71
N ARG A 177 23.39 -41.87 -12.02
CA ARG A 177 24.43 -41.03 -12.62
C ARG A 177 24.11 -39.53 -12.53
N LEU A 178 23.99 -39.02 -11.32
CA LEU A 178 23.62 -37.64 -11.10
C LEU A 178 24.61 -36.66 -11.73
N SER A 179 25.89 -37.02 -11.72
CA SER A 179 26.95 -36.20 -12.33
C SER A 179 26.68 -35.83 -13.80
N ALA A 180 26.04 -36.74 -14.53
CA ALA A 180 25.68 -36.49 -15.94
C ALA A 180 24.62 -35.40 -16.13
N PHE A 181 23.91 -35.00 -15.06
CA PHE A 181 22.80 -34.05 -15.15
C PHE A 181 23.12 -32.64 -14.66
N ARG A 182 24.39 -32.36 -14.33
CA ARG A 182 24.83 -31.03 -13.88
C ARG A 182 24.53 -29.92 -14.90
N GLU A 183 24.94 -30.11 -16.14
CA GLU A 183 24.71 -29.10 -17.17
C GLU A 183 23.21 -28.88 -17.42
N ARG A 184 22.44 -29.96 -17.56
CA ARG A 184 21.00 -29.85 -17.80
C ARG A 184 20.21 -29.21 -16.64
N LEU A 185 20.64 -29.45 -15.40
CA LEU A 185 20.02 -28.81 -14.23
C LEU A 185 20.30 -27.32 -14.22
N LEU A 186 21.56 -26.95 -14.46
CA LEU A 186 21.95 -25.54 -14.59
C LEU A 186 21.18 -24.83 -15.71
N GLU A 187 20.99 -25.49 -16.86
CA GLU A 187 20.15 -24.95 -17.94
C GLU A 187 18.76 -24.68 -17.41
N TRP A 188 18.20 -25.67 -16.73
CA TRP A 188 16.85 -25.57 -16.19
C TRP A 188 16.72 -24.41 -15.22
N TYR A 189 17.65 -24.29 -14.26
CA TYR A 189 17.59 -23.22 -13.26
C TYR A 189 17.63 -21.83 -13.92
N HIS A 190 18.55 -21.66 -14.87
CA HIS A 190 18.74 -20.38 -15.56
CA HIS A 190 18.76 -20.40 -15.60
C HIS A 190 17.58 -20.08 -16.52
N ALA A 191 17.09 -21.08 -17.23
CA ALA A 191 15.94 -20.88 -18.13
C ALA A 191 14.63 -20.57 -17.40
N ASN A 192 14.50 -20.97 -16.13
CA ASN A 192 13.26 -20.86 -15.37
C ASN A 192 13.53 -20.22 -14.04
N PRO A 193 13.82 -18.91 -14.06
CA PRO A 193 14.34 -18.25 -12.86
C PRO A 193 13.38 -18.11 -11.69
N GLY A 194 12.09 -18.41 -11.91
CA GLY A 194 11.12 -18.54 -10.81
C GLY A 194 10.79 -19.97 -10.38
N CYS A 195 11.58 -20.96 -10.81
CA CYS A 195 11.30 -22.35 -10.49
C CYS A 195 11.64 -22.73 -9.05
N ILE A 196 12.49 -21.95 -8.38
CA ILE A 196 12.78 -22.16 -6.96
C ILE A 196 12.56 -20.85 -6.20
N VAL A 197 11.70 -20.90 -5.19
CA VAL A 197 11.34 -19.76 -4.39
C VAL A 197 11.60 -20.15 -2.93
N PRO A 198 12.12 -19.25 -2.08
CA PRO A 198 12.47 -17.88 -2.44
C PRO A 198 13.81 -17.81 -3.15
N GLU A 199 14.07 -16.64 -3.72
CA GLU A 199 15.19 -16.43 -4.62
C GLU A 199 16.57 -16.77 -4.01
N PHE A 200 16.79 -16.46 -2.74
CA PHE A 200 18.07 -16.84 -2.12
C PHE A 200 18.31 -18.36 -2.04
N ARG A 201 17.24 -19.14 -2.02
CA ARG A 201 17.34 -20.60 -2.05
C ARG A 201 17.62 -21.08 -3.44
N ARG A 202 17.06 -20.40 -4.44
CA ARG A 202 17.42 -20.69 -5.83
C ARG A 202 18.91 -20.48 -6.05
N ARG A 203 19.44 -19.38 -5.54
CA ARG A 203 20.86 -19.07 -5.63
C ARG A 203 21.71 -20.15 -4.93
N GLU A 204 21.30 -20.57 -3.73
CA GLU A 204 21.98 -21.65 -2.98
C GLU A 204 22.08 -22.96 -3.78
N VAL A 205 20.98 -23.36 -4.42
CA VAL A 205 20.95 -24.59 -5.20
C VAL A 205 21.94 -24.48 -6.35
N ILE A 206 21.91 -23.37 -7.06
CA ILE A 206 22.74 -23.17 -8.24
C ILE A 206 24.21 -23.19 -7.85
N ARG A 207 24.59 -22.52 -6.76
CA ARG A 207 25.97 -22.51 -6.27
C ARG A 207 26.45 -23.95 -6.05
N ALA A 208 25.59 -24.77 -5.43
CA ALA A 208 25.90 -26.18 -5.12
C ALA A 208 26.09 -27.02 -6.38
N VAL A 209 25.20 -26.86 -7.36
CA VAL A 209 25.29 -27.64 -8.59
C VAL A 209 26.47 -27.15 -9.41
N GLU A 210 26.77 -25.84 -9.36
CA GLU A 210 27.97 -25.29 -10.01
C GLU A 210 29.24 -25.95 -9.43
N LYS A 211 29.29 -26.16 -8.13
CA LYS A 211 30.44 -26.82 -7.48
C LYS A 211 30.71 -28.26 -7.97
N GLY A 212 29.70 -28.95 -8.47
CA GLY A 212 29.87 -30.27 -9.08
C GLY A 212 28.99 -31.25 -8.35
N LEU A 213 28.61 -32.33 -9.04
CA LEU A 213 27.68 -33.32 -8.47
C LEU A 213 28.25 -34.72 -8.50
N PRO A 214 28.26 -35.40 -7.33
CA PRO A 214 28.58 -36.82 -7.34
C PRO A 214 27.41 -37.66 -7.85
N ASP A 215 27.69 -38.88 -8.29
CA ASP A 215 26.63 -39.86 -8.52
C ASP A 215 25.97 -40.17 -7.19
N LEU A 216 24.72 -40.58 -7.24
CA LEU A 216 23.92 -40.73 -6.04
C LEU A 216 23.58 -42.19 -5.88
N SER A 217 23.84 -42.70 -4.67
CA SER A 217 23.43 -44.04 -4.32
C SER A 217 21.91 -44.12 -4.21
N VAL A 218 21.30 -44.99 -5.01
CA VAL A 218 19.85 -45.16 -5.02
C VAL A 218 19.34 -46.51 -4.49
N SER A 219 20.26 -47.38 -4.05
CA SER A 219 19.88 -48.61 -3.38
C SER A 219 20.67 -48.80 -2.11
N ARG A 220 20.14 -49.65 -1.25
CA ARG A 220 20.86 -50.13 -0.07
C ARG A 220 20.69 -51.64 0.06
N ALA A 221 21.67 -52.27 0.70
CA ALA A 221 21.59 -53.67 1.06
C ALA A 221 20.43 -53.86 2.03
N ARG A 222 19.61 -54.88 1.79
CA ARG A 222 18.34 -55.06 2.51
C ARG A 222 18.44 -55.19 4.05
N ALA A 223 19.54 -55.78 4.52
CA ALA A 223 19.76 -55.93 5.96
C ALA A 223 19.94 -54.58 6.67
N THR A 224 20.58 -53.63 6.00
CA THR A 224 20.80 -52.30 6.55
C THR A 224 19.48 -51.55 6.81
N LEU A 225 18.47 -51.82 5.98
CA LEU A 225 17.14 -51.19 6.10
C LEU A 225 16.17 -52.02 6.92
N HIS A 226 16.67 -53.08 7.57
CA HIS A 226 15.83 -54.02 8.32
C HIS A 226 14.68 -54.57 7.42
N ASN A 227 15.01 -54.75 6.13
CA ASN A 227 14.07 -55.20 5.09
C ASN A 227 12.80 -54.38 4.87
N TRP A 228 12.78 -53.14 5.35
CA TRP A 228 11.59 -52.32 5.34
C TRP A 228 11.67 -51.25 4.22
N ALA A 229 11.43 -51.72 3.00
CA ALA A 229 11.66 -50.94 1.79
C ALA A 229 11.18 -51.67 0.54
N ILE A 230 11.20 -50.97 -0.59
CA ILE A 230 10.77 -51.53 -1.87
C ILE A 230 11.96 -52.31 -2.46
N PRO A 231 11.75 -53.57 -2.86
CA PRO A 231 12.86 -54.30 -3.49
C PRO A 231 13.24 -53.73 -4.86
N VAL A 232 14.53 -53.74 -5.16
CA VAL A 232 14.99 -53.36 -6.49
C VAL A 232 14.49 -54.39 -7.50
N PRO A 233 13.87 -53.91 -8.60
CA PRO A 233 13.43 -54.80 -9.67
C PRO A 233 14.57 -55.67 -10.19
N GLY A 234 14.38 -56.99 -10.13
CA GLY A 234 15.39 -57.95 -10.56
C GLY A 234 16.58 -58.13 -9.65
N ASN A 235 16.53 -57.60 -8.43
CA ASN A 235 17.60 -57.84 -7.45
C ASN A 235 17.10 -57.71 -6.02
N PRO A 236 16.49 -58.79 -5.50
CA PRO A 236 15.93 -58.71 -4.15
C PRO A 236 16.93 -58.52 -2.99
N ASP A 237 18.23 -58.67 -3.26
CA ASP A 237 19.26 -58.38 -2.23
C ASP A 237 19.34 -56.88 -1.91
N HIS A 238 18.91 -56.05 -2.85
CA HIS A 238 18.90 -54.61 -2.67
C HIS A 238 17.47 -54.06 -2.53
N CYS A 239 17.39 -52.94 -1.82
CA CYS A 239 16.14 -52.20 -1.64
C CYS A 239 16.32 -50.79 -2.20
N VAL A 240 15.23 -50.18 -2.64
CA VAL A 240 15.26 -48.85 -3.25
C VAL A 240 15.38 -47.78 -2.15
N TYR A 241 16.33 -46.86 -2.31
CA TYR A 241 16.60 -45.68 -1.44
C TYR A 241 15.31 -45.04 -1.12
N VAL A 242 15.03 -44.85 0.17
CA VAL A 242 13.79 -44.23 0.62
C VAL A 242 13.43 -42.89 -0.06
N TRP A 243 14.42 -42.11 -0.49
CA TRP A 243 14.15 -40.82 -1.15
C TRP A 243 13.66 -40.95 -2.60
N LEU A 244 14.18 -41.92 -3.37
CA LEU A 244 13.66 -42.19 -4.71
C LEU A 244 12.24 -42.74 -4.61
N ASP A 245 12.06 -43.63 -3.65
CA ASP A 245 10.76 -44.13 -3.17
C ASP A 245 9.87 -42.92 -2.85
N ALA A 246 10.35 -42.04 -1.98
CA ALA A 246 9.54 -40.94 -1.44
C ALA A 246 9.18 -39.89 -2.49
N LEU A 247 10.20 -39.38 -3.18
CA LEU A 247 9.99 -38.39 -4.24
C LEU A 247 8.97 -38.86 -5.26
N THR A 248 8.97 -40.16 -5.52
CA THR A 248 8.08 -40.73 -6.52
C THR A 248 6.58 -40.64 -6.13
N ASN A 249 6.27 -40.37 -4.86
CA ASN A 249 4.87 -40.18 -4.45
C ASN A 249 4.14 -39.16 -5.33
N TYR A 250 4.87 -38.11 -5.75
CA TYR A 250 4.29 -37.04 -6.55
C TYR A 250 3.80 -37.59 -7.89
N LEU A 251 4.60 -38.50 -8.47
CA LEU A 251 4.21 -39.18 -9.72
C LEU A 251 3.04 -40.15 -9.52
N THR A 252 3.16 -41.01 -8.51
CA THR A 252 2.05 -41.88 -8.12
C THR A 252 0.75 -41.11 -7.93
N GLY A 253 0.81 -40.04 -7.13
CA GLY A 253 -0.35 -39.23 -6.84
C GLY A 253 -1.02 -38.68 -8.09
N SER A 254 -0.19 -38.28 -9.06
CA SER A 254 -0.70 -37.72 -10.29
C SER A 254 -1.41 -38.77 -11.16
N ARG A 255 -1.24 -40.05 -10.83
CA ARG A 255 -1.79 -41.16 -11.60
C ARG A 255 -2.92 -41.95 -10.88
N LEU A 256 -3.34 -41.51 -9.69
CA LEU A 256 -4.43 -42.18 -8.98
C LEU A 256 -5.80 -41.54 -9.22
N ARG A 257 -6.73 -42.30 -9.80
CA ARG A 257 -8.16 -41.95 -9.72
C ARG A 257 -8.64 -42.17 -8.31
N VAL A 258 -9.32 -41.16 -7.77
CA VAL A 258 -9.78 -41.16 -6.40
C VAL A 258 -11.29 -41.04 -6.40
N ASP A 259 -11.95 -41.68 -5.43
CA ASP A 259 -13.43 -41.62 -5.29
C ASP A 259 -13.86 -40.46 -4.37
N GLU A 260 -15.17 -40.35 -4.13
CA GLU A 260 -15.73 -39.27 -3.31
C GLU A 260 -15.34 -39.33 -1.82
N SER A 261 -15.10 -40.53 -1.29
CA SER A 261 -14.63 -40.68 0.10
C SER A 261 -13.10 -40.50 0.25
N GLY A 262 -12.37 -40.32 -0.86
CA GLY A 262 -10.93 -40.07 -0.85
C GLY A 262 -10.02 -41.29 -0.93
N LYS A 263 -10.58 -42.45 -1.27
CA LYS A 263 -9.82 -43.69 -1.42
C LYS A 263 -9.40 -43.88 -2.88
N GLU A 264 -8.16 -44.35 -3.09
CA GLU A 264 -7.63 -44.59 -4.43
C GLU A 264 -8.31 -45.83 -5.02
N VAL A 265 -8.86 -45.70 -6.23
CA VAL A 265 -9.60 -46.81 -6.84
C VAL A 265 -8.91 -47.41 -8.07
N SER A 266 -7.88 -46.74 -8.59
CA SER A 266 -7.30 -47.13 -9.88
C SER A 266 -6.00 -46.36 -10.12
N LEU A 267 -5.03 -47.00 -10.77
CA LEU A 267 -3.79 -46.35 -11.14
C LEU A 267 -3.67 -46.33 -12.65
N VAL A 268 -3.79 -45.18 -13.27
CA VAL A 268 -3.68 -45.09 -14.73
C VAL A 268 -2.24 -45.31 -15.20
N ASP A 269 -2.08 -45.80 -16.43
CA ASP A 269 -0.75 -46.04 -17.03
C ASP A 269 -0.03 -44.76 -17.39
N ASP A 270 -0.74 -43.87 -18.08
CA ASP A 270 -0.18 -42.62 -18.60
C ASP A 270 -0.63 -41.48 -17.70
N PHE A 271 0.33 -40.75 -17.13
CA PHE A 271 0.01 -39.58 -16.28
C PHE A 271 -0.87 -38.53 -16.98
N ASN A 272 -0.65 -38.33 -18.29
CA ASN A 272 -1.44 -37.37 -19.06
C ASN A 272 -2.95 -37.59 -18.98
N GLU A 273 -3.38 -38.84 -18.74
CA GLU A 273 -4.80 -39.13 -18.62
C GLU A 273 -5.49 -38.28 -17.55
N LEU A 274 -4.84 -38.04 -16.42
CA LEU A 274 -5.43 -37.22 -15.32
C LEU A 274 -5.02 -35.74 -15.30
N GLU A 275 -4.07 -35.35 -16.17
CA GLU A 275 -3.69 -33.93 -16.39
C GLU A 275 -3.10 -33.22 -15.16
N ARG A 276 -2.50 -33.98 -14.23
CA ARG A 276 -1.92 -33.42 -13.01
C ARG A 276 -0.40 -33.23 -13.09
N PHE A 277 0.30 -34.23 -13.62
CA PHE A 277 1.76 -34.17 -13.65
C PHE A 277 2.24 -33.20 -14.75
N PRO A 278 3.31 -32.41 -14.52
CA PRO A 278 4.04 -32.33 -13.25
C PRO A 278 3.41 -31.31 -12.33
N ALA A 279 3.84 -31.31 -11.08
CA ALA A 279 3.38 -30.34 -10.09
C ALA A 279 3.59 -28.92 -10.55
N ASP A 280 2.59 -28.11 -10.25
CA ASP A 280 2.70 -26.66 -10.41
C ASP A 280 3.46 -26.04 -9.22
N VAL A 281 3.20 -26.56 -8.01
CA VAL A 281 3.93 -26.19 -6.81
C VAL A 281 4.23 -27.41 -5.93
N HIS A 282 5.52 -27.67 -5.70
CA HIS A 282 5.94 -28.51 -4.59
C HIS A 282 6.23 -27.63 -3.38
N VAL A 283 5.41 -27.74 -2.34
CA VAL A 283 5.70 -27.09 -1.05
C VAL A 283 6.63 -28.02 -0.28
N ILE A 284 7.75 -27.47 0.20
CA ILE A 284 8.70 -28.18 1.08
C ILE A 284 9.23 -27.28 2.15
N GLY A 285 9.83 -27.88 3.17
CA GLY A 285 10.67 -27.15 4.12
C GLY A 285 12.07 -27.03 3.56
N LYS A 286 12.84 -26.09 4.10
CA LYS A 286 14.20 -25.80 3.61
C LYS A 286 15.17 -26.95 3.76
N ASP A 287 14.92 -27.80 4.75
CA ASP A 287 15.72 -29.00 4.99
C ASP A 287 15.72 -30.08 3.90
N ILE A 288 14.78 -30.06 2.96
CA ILE A 288 14.76 -31.09 1.88
C ILE A 288 14.88 -30.52 0.48
N LEU A 289 15.48 -29.33 0.40
CA LEU A 289 15.63 -28.61 -0.85
C LEU A 289 16.47 -29.36 -1.89
N LYS A 290 17.59 -29.92 -1.44
CA LYS A 290 18.49 -30.64 -2.34
C LYS A 290 17.77 -31.78 -3.05
N PHE A 291 16.94 -32.52 -2.31
CA PHE A 291 16.26 -33.69 -2.86
C PHE A 291 15.25 -33.30 -3.95
N HIS A 292 14.57 -32.16 -3.74
CA HIS A 292 13.55 -31.67 -4.65
C HIS A 292 14.08 -30.82 -5.80
N ALA A 293 15.16 -30.07 -5.58
CA ALA A 293 15.69 -29.18 -6.60
C ALA A 293 16.83 -29.77 -7.42
N ILE A 294 17.47 -30.85 -6.93
CA ILE A 294 18.61 -31.48 -7.60
C ILE A 294 18.26 -32.91 -8.04
N TYR A 295 18.00 -33.79 -7.08
CA TYR A 295 17.79 -35.22 -7.37
C TYR A 295 16.53 -35.46 -8.21
N TRP A 296 15.42 -34.95 -7.72
CA TRP A 296 14.11 -35.11 -8.35
C TRP A 296 14.09 -34.69 -9.83
N PRO A 297 14.51 -33.44 -10.15
CA PRO A 297 14.57 -33.11 -11.58
C PRO A 297 15.54 -33.98 -12.39
N ALA A 298 16.65 -34.40 -11.78
CA ALA A 298 17.61 -35.28 -12.45
C ALA A 298 16.98 -36.63 -12.80
N PHE A 299 16.18 -37.18 -11.87
CA PHE A 299 15.40 -38.41 -12.14
C PHE A 299 14.41 -38.22 -13.29
N LEU A 300 13.69 -37.09 -13.27
CA LEU A 300 12.67 -36.83 -14.26
C LEU A 300 13.34 -36.64 -15.60
N LEU A 301 14.48 -35.94 -15.60
CA LEU A 301 15.25 -35.74 -16.83
C LEU A 301 15.69 -37.06 -17.44
N SER A 302 16.25 -37.94 -16.60
CA SER A 302 16.63 -39.28 -17.03
C SER A 302 15.45 -40.05 -17.66
N ALA A 303 14.29 -39.98 -17.01
CA ALA A 303 13.11 -40.70 -17.46
C ALA A 303 12.37 -40.04 -18.64
N GLY A 304 12.81 -38.86 -19.07
CA GLY A 304 12.06 -38.09 -20.06
C GLY A 304 10.70 -37.65 -19.57
N LEU A 305 10.56 -37.40 -18.27
CA LEU A 305 9.32 -36.88 -17.67
C LEU A 305 9.41 -35.36 -17.52
N PRO A 306 8.26 -34.66 -17.57
CA PRO A 306 8.28 -33.20 -17.40
C PRO A 306 8.63 -32.78 -15.98
N LEU A 307 9.24 -31.61 -15.87
CA LEU A 307 9.72 -31.07 -14.61
C LEU A 307 8.66 -30.21 -13.93
N PRO A 308 8.70 -30.12 -12.60
CA PRO A 308 7.77 -29.22 -11.93
C PRO A 308 7.98 -27.76 -12.29
N LYS A 309 6.95 -26.95 -12.13
CA LYS A 309 7.04 -25.51 -12.42
C LYS A 309 7.73 -24.73 -11.31
N LYS A 310 7.31 -24.95 -10.08
CA LYS A 310 7.86 -24.27 -8.91
C LYS A 310 8.09 -25.24 -7.76
N ILE A 311 9.20 -25.01 -7.04
CA ILE A 311 9.44 -25.57 -5.71
C ILE A 311 9.47 -24.38 -4.76
N VAL A 312 8.65 -24.41 -3.72
CA VAL A 312 8.66 -23.35 -2.71
C VAL A 312 9.14 -23.93 -1.39
N ALA A 313 10.20 -23.33 -0.85
CA ALA A 313 10.89 -23.84 0.34
C ALA A 313 10.73 -22.83 1.47
N HIS A 314 9.91 -23.16 2.44
CA HIS A 314 9.66 -22.27 3.58
C HIS A 314 10.76 -22.36 4.65
N GLY A 315 10.71 -21.42 5.59
CA GLY A 315 11.81 -21.16 6.50
C GLY A 315 11.91 -22.10 7.67
N TRP A 316 10.79 -22.74 7.97
CA TRP A 316 10.72 -23.76 9.01
C TRP A 316 11.48 -25.06 8.61
N TRP A 317 11.56 -25.99 9.56
CA TRP A 317 12.05 -27.35 9.29
C TRP A 317 10.84 -28.25 9.05
N THR A 318 11.01 -29.26 8.21
CA THR A 318 9.97 -30.27 8.00
C THR A 318 9.90 -31.14 9.30
N LYS A 319 11.04 -31.29 10.00
CA LYS A 319 11.18 -32.24 11.11
C LYS A 319 12.37 -31.90 12.01
N VAL A 331 7.05 -26.56 23.92
CA VAL A 331 6.10 -27.24 23.05
C VAL A 331 5.05 -26.30 22.46
N PHE A 332 4.36 -26.81 21.43
CA PHE A 332 3.32 -26.06 20.76
C PHE A 332 2.53 -26.97 19.85
N ASP A 333 1.44 -27.47 20.40
CA ASP A 333 0.48 -28.37 19.73
C ASP A 333 -0.59 -27.56 18.98
N PRO A 334 -0.64 -27.67 17.62
CA PRO A 334 -1.57 -26.83 16.86
C PRO A 334 -3.05 -27.11 17.12
N VAL A 335 -3.40 -28.35 17.40
CA VAL A 335 -4.80 -28.70 17.68
C VAL A 335 -5.20 -28.07 19.03
N GLU A 336 -4.30 -28.07 20.00
CA GLU A 336 -4.55 -27.42 21.29
C GLU A 336 -4.77 -25.91 21.07
N LYS A 337 -3.85 -25.25 20.38
CA LYS A 337 -3.96 -23.80 20.16
C LYS A 337 -5.15 -23.40 19.28
N ALA A 338 -5.51 -24.22 18.30
CA ALA A 338 -6.72 -23.98 17.50
C ALA A 338 -7.99 -24.03 18.33
N GLU A 339 -8.05 -24.93 19.31
CA GLU A 339 -9.17 -25.01 20.27
C GLU A 339 -9.17 -23.81 21.24
N GLU A 340 -7.99 -23.29 21.58
CA GLU A 340 -7.83 -22.15 22.49
C GLU A 340 -8.21 -20.83 21.80
N PHE A 341 -7.68 -20.61 20.59
CA PHE A 341 -7.76 -19.30 19.90
C PHE A 341 -8.60 -19.28 18.61
N GLY A 342 -9.06 -20.43 18.13
CA GLY A 342 -9.80 -20.55 16.85
C GLY A 342 -8.96 -21.17 15.75
N TYR A 343 -9.59 -21.91 14.85
CA TYR A 343 -8.85 -22.63 13.79
C TYR A 343 -8.32 -21.70 12.70
N ASP A 344 -9.22 -20.95 12.08
CA ASP A 344 -8.85 -19.97 11.07
C ASP A 344 -7.85 -18.95 11.62
N ALA A 345 -8.04 -18.56 12.88
CA ALA A 345 -7.14 -17.60 13.53
C ALA A 345 -5.71 -18.10 13.61
N LEU A 346 -5.57 -19.37 14.00
CA LEU A 346 -4.26 -19.99 14.10
C LEU A 346 -3.60 -20.05 12.73
N LYS A 347 -4.35 -20.53 11.74
CA LYS A 347 -3.87 -20.61 10.35
C LYS A 347 -3.41 -19.24 9.88
N TYR A 348 -4.26 -18.23 10.12
CA TYR A 348 -3.92 -16.84 9.83
C TYR A 348 -2.61 -16.44 10.48
N PHE A 349 -2.47 -16.77 11.76
CA PHE A 349 -1.26 -16.40 12.50
C PHE A 349 0.01 -17.01 11.91
N LEU A 350 -0.03 -18.30 11.61
CA LEU A 350 1.15 -19.00 11.11
C LEU A 350 1.58 -18.48 9.74
N LEU A 351 0.58 -18.18 8.91
CA LEU A 351 0.81 -17.68 7.57
C LEU A 351 1.23 -16.21 7.55
N ARG A 352 0.62 -15.41 8.43
CA ARG A 352 0.97 -14.00 8.57
C ARG A 352 2.31 -13.77 9.27
N GLU A 353 2.60 -14.55 10.30
CA GLU A 353 3.73 -14.25 11.19
C GLU A 353 5.09 -14.52 10.54
N SER A 354 5.14 -15.49 9.64
CA SER A 354 6.39 -15.87 9.00
C SER A 354 6.37 -15.96 7.50
N GLY A 355 7.37 -15.32 6.91
CA GLY A 355 7.71 -15.50 5.54
C GLY A 355 8.78 -16.57 5.47
N PHE A 356 9.67 -16.41 4.51
CA PHE A 356 10.70 -17.41 4.18
C PHE A 356 11.89 -17.38 5.12
N SER A 357 12.02 -16.28 5.87
CA SER A 357 12.79 -16.24 7.11
C SER A 357 12.09 -17.11 8.20
N ASP A 358 12.90 -17.84 8.97
CA ASP A 358 12.44 -18.57 10.17
C ASP A 358 12.14 -17.59 11.33
N ASP A 359 12.91 -16.48 11.42
CA ASP A 359 12.77 -15.43 12.46
C ASP A 359 11.36 -14.87 12.42
N GLY A 360 10.61 -15.11 13.50
CA GLY A 360 9.23 -14.70 13.64
C GLY A 360 8.78 -15.22 15.00
N ASP A 361 7.90 -14.45 15.62
CA ASP A 361 7.59 -14.57 17.06
C ASP A 361 6.29 -15.35 17.21
N TYR A 362 6.42 -16.61 17.61
CA TYR A 362 5.31 -17.52 17.92
C TYR A 362 5.15 -17.52 19.43
N SER A 363 4.16 -16.81 19.94
CA SER A 363 3.96 -16.70 21.38
C SER A 363 2.52 -16.32 21.63
N ASP A 364 2.00 -16.67 22.80
CA ASP A 364 0.62 -16.31 23.15
C ASP A 364 0.43 -14.80 23.09
N LYS A 365 1.44 -14.06 23.54
CA LYS A 365 1.44 -12.59 23.46
C LYS A 365 1.17 -12.13 22.03
N ASN A 366 1.96 -12.63 21.08
CA ASN A 366 1.80 -12.19 19.69
C ASN A 366 0.58 -12.74 18.95
N MET A 367 0.19 -13.99 19.24
CA MET A 367 -1.05 -14.57 18.69
C MET A 367 -2.24 -13.71 19.08
N ILE A 368 -2.25 -13.26 20.33
CA ILE A 368 -3.31 -12.40 20.83
C ILE A 368 -3.21 -10.98 20.25
N ALA A 369 -1.99 -10.47 20.11
CA ALA A 369 -1.76 -9.18 19.44
C ALA A 369 -2.36 -9.16 18.04
N ARG A 370 -2.11 -10.21 17.26
CA ARG A 370 -2.63 -10.31 15.88
C ARG A 370 -4.11 -10.63 15.84
N LEU A 371 -4.56 -11.54 16.69
CA LEU A 371 -5.97 -11.85 16.81
C LEU A 371 -6.79 -10.58 17.06
N ASN A 372 -6.38 -9.79 18.05
CA ASN A 372 -7.13 -8.60 18.46
C ASN A 372 -6.90 -7.45 17.51
N GLY A 373 -5.65 -7.17 17.20
CA GLY A 373 -5.26 -6.06 16.33
C GLY A 373 -5.77 -6.17 14.90
N GLU A 374 -5.60 -7.35 14.28
CA GLU A 374 -5.93 -7.54 12.86
C GLU A 374 -7.27 -8.23 12.66
N LEU A 375 -7.47 -9.41 13.26
CA LEU A 375 -8.70 -10.16 13.00
C LEU A 375 -9.95 -9.49 13.60
N ALA A 376 -9.86 -9.08 14.87
CA ALA A 376 -10.98 -8.42 15.56
C ALA A 376 -11.09 -6.93 15.21
N ASP A 377 -10.07 -6.14 15.51
CA ASP A 377 -10.14 -4.68 15.37
C ASP A 377 -10.18 -4.21 13.93
N THR A 378 -9.49 -4.89 13.01
CA THR A 378 -9.45 -4.44 11.62
C THR A 378 -10.57 -5.09 10.81
N LEU A 379 -10.60 -6.42 10.74
CA LEU A 379 -11.57 -7.12 9.89
C LEU A 379 -12.93 -7.22 10.58
N GLY A 380 -12.95 -7.82 11.77
CA GLY A 380 -14.19 -8.09 12.50
C GLY A 380 -15.02 -6.86 12.75
N ASN A 381 -14.37 -5.85 13.34
CA ASN A 381 -14.93 -4.50 13.53
C ASN A 381 -15.64 -3.95 12.30
N LEU A 382 -14.95 -4.08 11.17
CA LEU A 382 -15.42 -3.54 9.91
C LEU A 382 -16.64 -4.28 9.39
N VAL A 383 -16.67 -5.59 9.61
CA VAL A 383 -17.82 -6.44 9.22
C VAL A 383 -19.05 -6.02 10.01
N MET A 384 -18.89 -5.77 11.31
CA MET A 384 -20.00 -5.39 12.17
C MET A 384 -20.53 -4.01 11.76
N ARG A 385 -19.64 -3.02 11.62
CA ARG A 385 -20.03 -1.65 11.20
C ARG A 385 -20.92 -1.64 9.97
N CYS A 386 -20.52 -2.34 8.90
CA CYS A 386 -21.29 -2.29 7.65
C CYS A 386 -22.58 -3.12 7.66
N THR A 387 -22.77 -3.96 8.67
CA THR A 387 -23.97 -4.78 8.79
C THR A 387 -24.91 -4.41 9.93
N SER A 388 -24.46 -3.59 10.90
CA SER A 388 -25.27 -3.29 12.08
C SER A 388 -26.56 -2.56 11.73
N ALA A 389 -27.62 -2.82 12.51
CA ALA A 389 -28.93 -2.18 12.33
C ALA A 389 -28.86 -0.66 12.47
N LYS A 390 -28.00 -0.23 13.40
CA LYS A 390 -27.72 1.16 13.67
C LYS A 390 -27.29 1.95 12.42
N ILE A 391 -26.36 1.39 11.63
CA ILE A 391 -25.78 2.06 10.46
C ILE A 391 -26.48 1.62 9.16
N ASN A 392 -26.54 0.30 8.95
CA ASN A 392 -27.27 -0.30 7.81
C ASN A 392 -28.73 -0.51 8.23
N VAL A 393 -29.54 0.54 8.11
CA VAL A 393 -30.91 0.53 8.66
C VAL A 393 -31.87 -0.40 7.91
N ASN A 394 -31.73 -0.49 6.60
CA ASN A 394 -32.57 -1.38 5.82
C ASN A 394 -32.11 -2.84 5.76
N GLY A 395 -30.93 -3.14 6.31
CA GLY A 395 -30.35 -4.48 6.21
C GLY A 395 -30.20 -4.92 4.77
N GLU A 396 -29.53 -4.12 3.96
CA GLU A 396 -29.33 -4.44 2.55
C GLU A 396 -28.14 -3.69 1.98
N TRP A 397 -27.76 -4.07 0.77
CA TRP A 397 -26.74 -3.38 0.01
C TRP A 397 -27.43 -2.18 -0.65
N PRO A 398 -27.13 -0.94 -0.19
CA PRO A 398 -27.72 0.18 -0.86
C PRO A 398 -27.09 0.48 -2.21
N SER A 399 -27.82 1.28 -2.99
CA SER A 399 -27.39 1.70 -4.30
C SER A 399 -26.58 2.98 -4.10
N PRO A 400 -25.34 3.05 -4.62
CA PRO A 400 -24.52 4.24 -4.30
C PRO A 400 -24.98 5.49 -5.03
N ALA A 401 -24.76 6.65 -4.40
CA ALA A 401 -24.92 7.96 -5.06
C ALA A 401 -23.60 8.32 -5.74
N ALA A 402 -23.41 9.58 -6.13
CA ALA A 402 -22.19 9.98 -6.85
C ALA A 402 -20.96 9.82 -5.96
N TYR A 403 -19.85 9.46 -6.59
CA TYR A 403 -18.59 9.20 -5.88
C TYR A 403 -17.76 10.47 -5.79
N THR A 404 -17.26 10.76 -4.58
CA THR A 404 -16.24 11.82 -4.39
C THR A 404 -14.87 11.31 -4.80
N GLU A 405 -13.87 12.19 -4.88
CA GLU A 405 -12.48 11.79 -5.15
C GLU A 405 -11.92 10.89 -4.04
N GLU A 406 -12.35 11.11 -2.81
CA GLU A 406 -11.97 10.24 -1.69
C GLU A 406 -12.58 8.83 -1.83
N ASP A 407 -13.86 8.76 -2.21
CA ASP A 407 -14.49 7.50 -2.55
C ASP A 407 -13.68 6.77 -3.64
N GLU A 408 -13.39 7.49 -4.73
CA GLU A 408 -12.65 6.91 -5.85
C GLU A 408 -11.31 6.32 -5.43
N SER A 409 -10.62 6.98 -4.49
CA SER A 409 -9.27 6.57 -4.09
C SER A 409 -9.33 5.21 -3.41
N LEU A 410 -10.33 5.01 -2.55
CA LEU A 410 -10.56 3.72 -1.91
C LEU A 410 -11.01 2.66 -2.90
N ILE A 411 -11.93 3.04 -3.79
CA ILE A 411 -12.42 2.13 -4.82
C ILE A 411 -11.27 1.61 -5.66
N GLN A 412 -10.29 2.48 -5.94
CA GLN A 412 -9.16 2.11 -6.76
C GLN A 412 -8.36 1.02 -6.05
N LEU A 413 -8.13 1.22 -4.75
CA LEU A 413 -7.45 0.21 -3.94
C LEU A 413 -8.15 -1.15 -3.97
N ILE A 414 -9.48 -1.12 -3.87
CA ILE A 414 -10.28 -2.33 -3.89
C ILE A 414 -10.20 -2.99 -5.27
N LYS A 415 -10.29 -2.19 -6.33
CA LYS A 415 -10.15 -2.72 -7.69
C LYS A 415 -8.78 -3.33 -7.97
N ASP A 416 -7.73 -2.68 -7.51
CA ASP A 416 -6.36 -3.14 -7.76
C ASP A 416 -5.97 -4.39 -6.95
N LEU A 417 -6.63 -4.59 -5.81
CA LEU A 417 -6.23 -5.63 -4.85
C LEU A 417 -6.16 -7.04 -5.44
N PRO A 418 -7.19 -7.47 -6.20
CA PRO A 418 -7.16 -8.84 -6.73
C PRO A 418 -5.95 -9.15 -7.58
N GLY A 419 -5.55 -8.22 -8.44
CA GLY A 419 -4.37 -8.40 -9.28
C GLY A 419 -3.08 -8.50 -8.47
N THR A 420 -3.00 -7.70 -7.41
CA THR A 420 -1.84 -7.66 -6.53
C THR A 420 -1.76 -8.96 -5.73
N ALA A 421 -2.84 -9.28 -5.04
CA ALA A 421 -2.96 -10.51 -4.27
C ALA A 421 -2.69 -11.75 -5.13
N ASP A 422 -3.24 -11.76 -6.35
CA ASP A 422 -3.04 -12.88 -7.28
C ASP A 422 -1.56 -13.13 -7.54
N HIS A 423 -0.81 -12.06 -7.85
CA HIS A 423 0.64 -12.21 -8.08
C HIS A 423 1.32 -12.81 -6.84
N TYR A 424 0.94 -12.32 -5.66
CA TYR A 424 1.51 -12.85 -4.42
C TYR A 424 1.19 -14.33 -4.23
N TYR A 425 -0.08 -14.70 -4.37
CA TYR A 425 -0.48 -16.10 -4.27
C TYR A 425 0.24 -17.01 -5.27
N LEU A 426 0.59 -16.47 -6.43
CA LEU A 426 1.27 -17.26 -7.47
C LEU A 426 2.76 -17.42 -7.33
N ILE A 427 3.41 -16.55 -6.57
CA ILE A 427 4.87 -16.61 -6.39
C ILE A 427 5.41 -18.00 -5.97
N PRO A 428 4.90 -18.61 -4.89
CA PRO A 428 3.83 -18.09 -3.99
C PRO A 428 4.36 -17.49 -2.69
N ASP A 429 3.79 -16.38 -2.24
CA ASP A 429 4.18 -15.74 -0.99
C ASP A 429 2.91 -15.34 -0.28
N ILE A 430 2.40 -16.26 0.52
CA ILE A 430 1.11 -16.10 1.17
C ILE A 430 1.11 -14.98 2.22
N GLN A 431 2.25 -14.75 2.86
CA GLN A 431 2.37 -13.64 3.82
C GLN A 431 2.10 -12.29 3.14
N LYS A 432 2.78 -12.06 2.02
CA LYS A 432 2.59 -10.84 1.24
C LYS A 432 1.16 -10.68 0.77
N ALA A 433 0.51 -11.76 0.36
CA ALA A 433 -0.91 -11.70 -0.04
C ALA A 433 -1.79 -11.24 1.12
N ILE A 434 -1.56 -11.80 2.30
CA ILE A 434 -2.33 -11.40 3.48
C ILE A 434 -2.12 -9.91 3.74
N ILE A 435 -0.85 -9.50 3.75
CA ILE A 435 -0.47 -8.11 4.01
C ILE A 435 -1.17 -7.17 3.04
N ALA A 436 -1.14 -7.51 1.76
CA ALA A 436 -1.81 -6.69 0.73
C ALA A 436 -3.30 -6.50 1.03
N VAL A 437 -3.97 -7.60 1.39
CA VAL A 437 -5.38 -7.51 1.73
C VAL A 437 -5.60 -6.65 2.95
N PHE A 438 -4.80 -6.84 3.99
CA PHE A 438 -4.95 -6.05 5.20
C PHE A 438 -4.63 -4.55 5.03
N ASP A 439 -3.71 -4.20 4.14
CA ASP A 439 -3.52 -2.79 3.77
C ASP A 439 -4.84 -2.18 3.30
N VAL A 440 -5.58 -2.90 2.47
CA VAL A 440 -6.85 -2.42 1.97
C VAL A 440 -7.87 -2.40 3.09
N LEU A 441 -7.86 -3.39 3.97
CA LEU A 441 -8.76 -3.37 5.11
C LEU A 441 -8.52 -2.14 6.01
N ARG A 442 -7.26 -1.87 6.34
CA ARG A 442 -6.90 -0.67 7.10
C ARG A 442 -7.40 0.61 6.39
N ALA A 443 -7.22 0.70 5.08
CA ALA A 443 -7.71 1.84 4.32
C ALA A 443 -9.24 2.04 4.45
N ILE A 444 -9.98 0.94 4.41
CA ILE A 444 -11.43 0.97 4.52
C ILE A 444 -11.83 1.45 5.92
N ASN A 445 -11.11 1.02 6.96
CA ASN A 445 -11.39 1.50 8.32
C ASN A 445 -11.16 2.99 8.44
N ALA A 446 -10.03 3.44 7.91
CA ALA A 446 -9.69 4.87 7.80
C ALA A 446 -10.82 5.66 7.12
N TYR A 447 -11.25 5.16 5.96
CA TYR A 447 -12.37 5.74 5.22
C TYR A 447 -13.63 5.84 6.07
N VAL A 448 -13.95 4.76 6.78
CA VAL A 448 -15.17 4.70 7.59
C VAL A 448 -15.07 5.68 8.76
N THR A 449 -13.90 5.77 9.38
CA THR A 449 -13.64 6.79 10.40
C THR A 449 -13.84 8.22 9.86
N ASP A 450 -13.32 8.54 8.68
CA ASP A 450 -13.48 9.87 8.08
C ASP A 450 -14.93 10.20 7.76
N MET A 451 -15.66 9.22 7.21
CA MET A 451 -17.04 9.46 6.74
C MET A 451 -18.06 9.41 7.85
N ALA A 452 -17.73 8.69 8.92
CA ALA A 452 -18.58 8.63 10.12
C ALA A 452 -20.03 8.26 9.79
N PRO A 453 -20.24 7.07 9.17
CA PRO A 453 -21.58 6.69 8.68
C PRO A 453 -22.68 6.65 9.76
N TRP A 454 -22.28 6.37 11.00
CA TRP A 454 -23.16 6.51 12.16
C TRP A 454 -23.81 7.91 12.28
N LYS A 455 -23.05 8.98 12.07
CA LYS A 455 -23.62 10.34 11.99
C LYS A 455 -24.52 10.52 10.75
N LEU A 456 -24.10 9.97 9.62
CA LEU A 456 -24.80 10.16 8.34
C LEU A 456 -26.22 9.57 8.27
N VAL A 457 -26.59 8.64 9.16
CA VAL A 457 -27.95 8.06 9.17
C VAL A 457 -29.01 9.16 9.31
N LYS A 458 -28.74 10.11 10.22
CA LYS A 458 -29.58 11.31 10.39
C LYS A 458 -29.19 12.47 9.47
N THR A 459 -27.90 12.80 9.39
CA THR A 459 -27.43 14.00 8.68
C THR A 459 -27.62 13.99 7.18
N ASP A 460 -27.32 12.86 6.53
CA ASP A 460 -27.29 12.80 5.07
C ASP A 460 -27.42 11.34 4.61
N PRO A 461 -28.67 10.85 4.40
CA PRO A 461 -28.85 9.45 4.03
C PRO A 461 -28.41 9.11 2.60
N GLU A 462 -28.53 10.06 1.66
CA GLU A 462 -28.04 9.86 0.27
C GLU A 462 -26.54 9.57 0.28
N ARG A 463 -25.78 10.32 1.10
CA ARG A 463 -24.34 10.12 1.20
C ARG A 463 -23.97 8.76 1.82
N LEU A 464 -24.67 8.38 2.88
CA LEU A 464 -24.51 7.07 3.52
C LEU A 464 -24.66 5.89 2.56
N ARG A 465 -25.60 5.97 1.62
CA ARG A 465 -25.74 4.92 0.62
C ARG A 465 -24.40 4.66 -0.07
N THR A 466 -23.75 5.73 -0.51
CA THR A 466 -22.46 5.65 -1.19
C THR A 466 -21.38 5.03 -0.28
N VAL A 467 -21.31 5.53 0.95
CA VAL A 467 -20.30 5.12 1.93
C VAL A 467 -20.46 3.66 2.35
N LEU A 468 -21.68 3.29 2.66
CA LEU A 468 -22.03 1.93 3.06
C LEU A 468 -21.75 0.94 1.94
N TYR A 469 -22.18 1.27 0.72
CA TYR A 469 -21.96 0.39 -0.43
C TYR A 469 -20.50 0.07 -0.68
N ILE A 470 -19.67 1.11 -0.70
CA ILE A 470 -18.22 0.95 -0.85
C ILE A 470 -17.64 0.09 0.27
N THR A 471 -18.10 0.33 1.49
CA THR A 471 -17.60 -0.42 2.64
C THR A 471 -17.90 -1.90 2.49
N LEU A 472 -19.18 -2.19 2.23
CA LEU A 472 -19.63 -3.56 1.95
C LEU A 472 -18.81 -4.24 0.85
N GLU A 473 -18.62 -3.54 -0.26
CA GLU A 473 -17.92 -4.13 -1.37
C GLU A 473 -16.44 -4.33 -1.06
N GLY A 474 -15.85 -3.43 -0.30
CA GLY A 474 -14.48 -3.59 0.16
C GLY A 474 -14.36 -4.81 1.05
N VAL A 475 -15.31 -4.95 1.95
CA VAL A 475 -15.35 -6.12 2.82
C VAL A 475 -15.52 -7.43 2.02
N ARG A 476 -16.40 -7.42 1.01
CA ARG A 476 -16.61 -8.62 0.20
C ARG A 476 -15.31 -9.03 -0.47
N VAL A 477 -14.69 -8.09 -1.19
CA VAL A 477 -13.53 -8.39 -2.01
C VAL A 477 -12.33 -8.81 -1.15
N THR A 478 -12.07 -8.08 -0.07
CA THR A 478 -11.01 -8.49 0.84
C THR A 478 -11.28 -9.89 1.38
N THR A 479 -12.53 -10.16 1.74
CA THR A 479 -12.91 -11.44 2.32
C THR A 479 -12.74 -12.59 1.33
N LEU A 480 -13.17 -12.36 0.08
CA LEU A 480 -12.97 -13.34 -0.99
C LEU A 480 -11.49 -13.71 -1.15
N LEU A 481 -10.61 -12.72 -1.18
CA LEU A 481 -9.18 -12.98 -1.31
C LEU A 481 -8.53 -13.55 -0.06
N LEU A 482 -9.17 -13.35 1.10
CA LEU A 482 -8.77 -14.02 2.34
C LEU A 482 -9.37 -15.42 2.56
N SER A 483 -10.29 -15.85 1.71
CA SER A 483 -11.01 -17.10 1.98
C SER A 483 -10.16 -18.39 1.94
N PRO A 484 -9.01 -18.37 1.23
CA PRO A 484 -8.10 -19.50 1.42
C PRO A 484 -7.41 -19.56 2.80
N ILE A 485 -7.29 -18.41 3.47
CA ILE A 485 -6.65 -18.29 4.80
C ILE A 485 -7.67 -18.53 5.91
N LEU A 486 -8.89 -18.05 5.71
CA LEU A 486 -9.94 -18.10 6.71
C LEU A 486 -11.17 -18.77 6.07
N PRO A 487 -11.07 -20.06 5.73
CA PRO A 487 -12.17 -20.70 4.98
C PRO A 487 -13.53 -20.74 5.70
N ARG A 488 -13.54 -20.86 7.01
CA ARG A 488 -14.79 -20.88 7.78
C ARG A 488 -15.34 -19.49 8.03
N LYS A 489 -14.48 -18.60 8.51
CA LYS A 489 -14.89 -17.24 8.83
C LYS A 489 -15.31 -16.47 7.60
N SER A 490 -14.68 -16.73 6.45
CA SER A 490 -15.10 -16.12 5.19
C SER A 490 -16.56 -16.48 4.88
N VAL A 491 -16.94 -17.74 5.15
CA VAL A 491 -18.33 -18.19 4.94
C VAL A 491 -19.28 -17.42 5.85
N VAL A 492 -18.87 -17.23 7.10
CA VAL A 492 -19.70 -16.50 8.07
C VAL A 492 -19.86 -15.05 7.61
N ILE A 493 -18.76 -14.42 7.22
CA ILE A 493 -18.79 -13.02 6.75
C ILE A 493 -19.75 -12.91 5.56
N PHE A 494 -19.59 -13.80 4.59
CA PHE A 494 -20.46 -13.78 3.43
C PHE A 494 -21.92 -13.99 3.78
N ASP A 495 -22.20 -14.87 4.76
CA ASP A 495 -23.58 -15.07 5.23
C ASP A 495 -24.16 -13.80 5.86
N MET A 496 -23.37 -13.14 6.70
CA MET A 496 -23.75 -11.84 7.26
C MET A 496 -24.01 -10.79 6.19
N LEU A 497 -23.11 -10.71 5.21
CA LEU A 497 -23.27 -9.77 4.08
C LEU A 497 -24.38 -10.18 3.10
N GLY A 498 -24.85 -11.41 3.20
CA GLY A 498 -25.90 -11.92 2.33
C GLY A 498 -25.41 -12.16 0.91
N VAL A 499 -24.12 -12.47 0.77
CA VAL A 499 -23.53 -12.70 -0.55
C VAL A 499 -24.03 -14.06 -1.04
N PRO A 500 -24.74 -14.09 -2.18
CA PRO A 500 -25.13 -15.40 -2.75
C PRO A 500 -23.94 -16.33 -3.02
N GLU A 501 -24.17 -17.65 -2.93
CA GLU A 501 -23.12 -18.67 -3.11
CA GLU A 501 -23.14 -18.66 -3.13
C GLU A 501 -22.32 -18.48 -4.42
N VAL A 502 -23.04 -18.23 -5.51
CA VAL A 502 -22.40 -18.04 -6.82
C VAL A 502 -21.34 -16.91 -6.84
N HIS A 503 -21.53 -15.89 -6.02
CA HIS A 503 -20.58 -14.77 -5.96
C HIS A 503 -19.39 -15.00 -5.01
N ARG A 504 -19.32 -16.17 -4.38
CA ARG A 504 -18.24 -16.50 -3.42
C ARG A 504 -17.01 -17.15 -4.06
N LYS A 505 -17.01 -17.31 -5.37
CA LYS A 505 -15.83 -17.84 -6.06
C LYS A 505 -15.89 -17.41 -7.49
N GLY A 506 -14.78 -17.60 -8.17
CA GLY A 506 -14.68 -17.28 -9.59
C GLY A 506 -14.04 -15.94 -9.80
N ILE A 507 -13.13 -15.87 -10.78
CA ILE A 507 -12.40 -14.64 -11.10
C ILE A 507 -13.35 -13.51 -11.47
N GLU A 508 -14.49 -13.85 -12.06
CA GLU A 508 -15.53 -12.84 -12.34
C GLU A 508 -15.89 -12.04 -11.11
N ASN A 509 -15.93 -12.68 -9.94
CA ASN A 509 -16.33 -12.01 -8.70
C ASN A 509 -15.22 -11.32 -7.92
N PHE A 510 -14.00 -11.32 -8.47
CA PHE A 510 -12.92 -10.41 -8.06
C PHE A 510 -13.22 -8.95 -8.45
N GLU A 511 -14.04 -8.76 -9.49
CA GLU A 511 -14.41 -7.43 -9.99
C GLU A 511 -15.27 -6.64 -9.01
N PHE A 512 -14.99 -5.34 -8.93
CA PHE A 512 -15.75 -4.43 -8.11
C PHE A 512 -17.17 -4.33 -8.65
N GLY A 513 -18.15 -4.41 -7.76
CA GLY A 513 -19.57 -4.29 -8.13
C GLY A 513 -20.32 -5.56 -8.51
N ALA A 514 -19.75 -6.73 -8.23
CA ALA A 514 -20.34 -7.99 -8.68
C ALA A 514 -21.59 -8.40 -7.91
N VAL A 515 -21.78 -7.85 -6.72
CA VAL A 515 -22.99 -8.08 -5.95
C VAL A 515 -23.89 -6.85 -6.13
N PRO A 516 -25.08 -7.05 -6.69
CA PRO A 516 -25.92 -5.90 -7.02
C PRO A 516 -26.59 -5.25 -5.79
N PRO A 517 -26.80 -3.91 -5.84
CA PRO A 517 -27.56 -3.24 -4.78
C PRO A 517 -28.96 -3.83 -4.66
N GLY A 518 -29.47 -3.93 -3.44
CA GLY A 518 -30.77 -4.57 -3.18
C GLY A 518 -30.65 -5.95 -2.56
N THR A 519 -29.46 -6.56 -2.65
CA THR A 519 -29.16 -7.80 -1.94
C THR A 519 -29.44 -7.62 -0.45
N ARG A 520 -30.22 -8.52 0.14
CA ARG A 520 -30.49 -8.45 1.58
C ARG A 520 -29.37 -9.09 2.37
N LEU A 521 -29.06 -8.51 3.53
CA LEU A 521 -28.07 -9.10 4.43
C LEU A 521 -28.61 -10.39 5.03
N GLY A 522 -27.74 -11.16 5.65
CA GLY A 522 -28.15 -12.36 6.37
C GLY A 522 -28.73 -11.99 7.72
N PRO A 523 -29.47 -12.91 8.35
CA PRO A 523 -29.90 -12.68 9.74
C PRO A 523 -28.71 -12.58 10.68
N ALA A 524 -28.85 -11.77 11.74
CA ALA A 524 -27.87 -11.73 12.84
C ALA A 524 -28.36 -12.69 13.92
N VAL A 525 -27.53 -12.93 14.94
CA VAL A 525 -27.99 -13.57 16.20
C VAL A 525 -27.44 -12.75 17.40
N GLU A 526 -28.16 -12.78 18.52
CA GLU A 526 -27.83 -11.99 19.73
C GLU A 526 -26.43 -12.16 20.35
N GLY A 527 -25.86 -13.36 20.24
CA GLY A 527 -24.49 -13.65 20.72
C GLY A 527 -23.35 -13.50 19.70
N GLU A 528 -23.66 -13.09 18.46
CA GLU A 528 -22.66 -13.13 17.38
C GLU A 528 -21.52 -12.12 17.54
N VAL A 529 -20.33 -12.66 17.79
CA VAL A 529 -19.07 -11.98 17.46
C VAL A 529 -18.42 -12.85 16.41
N LEU A 530 -17.58 -12.22 15.60
CA LEU A 530 -16.91 -12.90 14.51
C LEU A 530 -15.56 -13.43 14.98
N PHE A 531 -14.77 -12.54 15.59
CA PHE A 531 -13.59 -12.90 16.37
C PHE A 531 -13.71 -12.20 17.73
N SER A 532 -13.79 -12.99 18.80
CA SER A 532 -13.84 -12.44 20.16
C SER A 532 -12.41 -12.11 20.61
N LYS A 533 -12.22 -10.90 21.13
CA LYS A 533 -10.90 -10.47 21.60
C LYS A 533 -10.57 -11.20 22.89
N ARG A 534 -9.27 -11.29 23.21
CA ARG A 534 -8.82 -11.99 24.42
CA ARG A 534 -8.82 -11.98 24.43
C ARG A 534 -7.93 -11.11 25.30
N SER A 535 -7.80 -11.51 26.57
CA SER A 535 -7.10 -10.72 27.59
C SER A 535 -5.61 -10.68 27.32
N THR A 536 -4.94 -9.54 27.50
CA THR A 536 -3.57 -9.35 26.96
C THR A 536 -2.49 -10.07 27.81
N GLY B 1 -4.75 0.41 -12.22
CA GLY B 1 -5.78 0.98 -13.15
C GLY B 1 -5.46 2.41 -13.52
N PRO B 2 -5.96 2.88 -14.67
CA PRO B 2 -5.75 4.28 -15.05
C PRO B 2 -6.34 5.27 -14.06
N GLY B 3 -5.61 6.34 -13.80
CA GLY B 3 -6.11 7.46 -13.02
C GLY B 3 -7.02 8.33 -13.88
N SER B 4 -7.33 9.53 -13.37
CA SER B 4 -8.25 10.45 -14.06
C SER B 4 -7.56 11.11 -15.26
N MET B 5 -8.38 11.47 -16.25
CA MET B 5 -7.87 12.19 -17.40
C MET B 5 -7.67 13.66 -17.09
N LYS B 6 -6.73 14.27 -17.82
CA LYS B 6 -6.49 15.70 -17.82
C LYS B 6 -7.79 16.51 -17.88
N VAL B 7 -7.84 17.61 -17.14
CA VAL B 7 -8.89 18.60 -17.32
C VAL B 7 -8.73 19.30 -18.69
N GLU B 8 -9.86 19.78 -19.21
CA GLU B 8 -9.93 20.51 -20.46
C GLU B 8 -9.61 22.01 -20.23
N LYS B 9 -10.07 22.59 -19.11
CA LYS B 9 -9.75 23.98 -18.74
C LYS B 9 -8.33 24.15 -18.20
N VAL B 10 -7.96 25.38 -17.81
CA VAL B 10 -6.69 25.60 -17.12
C VAL B 10 -6.94 25.28 -15.66
N PHE B 11 -6.08 24.43 -15.10
CA PHE B 11 -6.21 24.03 -13.71
C PHE B 11 -5.82 25.21 -12.85
N PHE B 12 -6.76 25.68 -12.05
CA PHE B 12 -6.63 26.90 -11.29
C PHE B 12 -6.58 26.54 -9.81
N VAL B 13 -5.41 26.77 -9.21
CA VAL B 13 -5.16 26.47 -7.81
C VAL B 13 -4.65 27.75 -7.13
N THR B 14 -5.16 28.01 -5.93
CA THR B 14 -4.88 29.25 -5.21
C THR B 14 -4.40 28.97 -3.81
N SER B 15 -3.56 29.88 -3.32
CA SER B 15 -3.29 30.01 -1.89
C SER B 15 -4.18 31.15 -1.39
N PRO B 16 -4.31 31.29 -0.07
CA PRO B 16 -4.97 32.51 0.40
C PRO B 16 -4.01 33.67 0.18
N ILE B 17 -4.54 34.89 0.07
CA ILE B 17 -3.70 36.12 0.05
C ILE B 17 -3.45 36.60 1.47
N TYR B 18 -2.20 36.90 1.78
CA TYR B 18 -1.78 37.08 3.18
C TYR B 18 -1.74 38.55 3.61
N TYR B 19 -2.14 38.80 4.86
CA TYR B 19 -2.18 40.16 5.42
C TYR B 19 -0.73 40.70 5.59
N VAL B 20 -0.48 41.95 5.18
CA VAL B 20 0.89 42.52 5.17
C VAL B 20 1.25 43.31 6.45
N ASN B 21 0.48 43.10 7.51
CA ASN B 21 0.82 43.56 8.85
C ASN B 21 1.75 42.59 9.63
N ALA B 22 2.12 41.47 9.01
CA ALA B 22 3.17 40.57 9.54
C ALA B 22 4.20 40.35 8.44
N ALA B 23 5.46 40.07 8.82
CA ALA B 23 6.46 39.58 7.85
C ALA B 23 6.07 38.14 7.54
N PRO B 24 6.49 37.63 6.37
CA PRO B 24 6.19 36.24 6.07
C PRO B 24 6.79 35.22 7.07
N HIS B 25 6.11 34.10 7.28
CA HIS B 25 6.46 33.08 8.26
C HIS B 25 5.95 31.68 7.78
N ILE B 26 6.16 30.65 8.60
CA ILE B 26 5.91 29.25 8.21
C ILE B 26 4.48 29.00 7.74
N GLY B 27 3.49 29.51 8.48
CA GLY B 27 2.09 29.45 8.06
C GLY B 27 1.79 29.82 6.61
N HIS B 28 2.41 30.90 6.14
CA HIS B 28 2.23 31.37 4.76
C HIS B 28 2.97 30.45 3.80
N VAL B 29 4.19 30.09 4.19
CA VAL B 29 5.04 29.18 3.42
C VAL B 29 4.39 27.80 3.22
N TYR B 30 3.72 27.30 4.26
CA TYR B 30 3.05 26.00 4.18
C TYR B 30 1.86 26.09 3.23
N SER B 31 0.99 27.06 3.46
CA SER B 31 -0.17 27.29 2.61
C SER B 31 0.25 27.38 1.15
N THR B 32 1.25 28.19 0.86
CA THR B 32 1.71 28.40 -0.52
C THR B 32 2.46 27.17 -1.08
N LEU B 33 3.13 26.41 -0.21
CA LEU B 33 3.75 25.12 -0.60
C LEU B 33 2.73 24.12 -1.12
N ILE B 34 1.61 24.02 -0.40
CA ILE B 34 0.52 23.11 -0.78
C ILE B 34 -0.02 23.55 -2.13
N THR B 35 -0.28 24.85 -2.25
CA THR B 35 -0.69 25.43 -3.52
C THR B 35 0.28 25.07 -4.63
N ASP B 36 1.57 25.24 -4.35
CA ASP B 36 2.62 25.02 -5.34
C ASP B 36 2.72 23.58 -5.78
N VAL B 37 2.58 22.67 -4.82
CA VAL B 37 2.67 21.24 -5.07
C VAL B 37 1.55 20.77 -5.99
N ILE B 38 0.34 21.20 -5.66
CA ILE B 38 -0.84 20.87 -6.45
C ILE B 38 -0.61 21.40 -7.85
N GLY B 39 -0.15 22.63 -7.92
CA GLY B 39 0.19 23.23 -9.19
C GLY B 39 1.18 22.39 -9.98
N ARG B 40 2.27 22.01 -9.32
CA ARG B 40 3.28 21.22 -9.99
C ARG B 40 2.73 19.86 -10.46
N TYR B 41 1.96 19.17 -9.61
CA TYR B 41 1.39 17.89 -10.01
C TYR B 41 0.62 17.98 -11.33
N HIS B 42 -0.23 18.99 -11.44
CA HIS B 42 -1.02 19.11 -12.66
C HIS B 42 -0.20 19.51 -13.89
N ARG B 43 0.90 20.23 -13.67
CA ARG B 43 1.86 20.49 -14.75
C ARG B 43 2.52 19.21 -15.21
N VAL B 44 2.91 18.40 -14.25
CA VAL B 44 3.52 17.09 -14.52
C VAL B 44 2.54 16.14 -15.25
N LYS B 45 1.27 16.23 -14.93
CA LYS B 45 0.23 15.52 -15.66
C LYS B 45 0.05 16.01 -17.12
N GLY B 46 0.65 17.15 -17.46
CA GLY B 46 0.59 17.71 -18.80
C GLY B 46 -0.63 18.57 -18.99
N GLU B 47 -1.19 19.07 -17.89
CA GLU B 47 -2.29 20.02 -17.91
C GLU B 47 -1.74 21.44 -17.89
N ARG B 48 -2.53 22.36 -18.43
CA ARG B 48 -2.30 23.79 -18.25
C ARG B 48 -2.65 24.15 -16.82
N VAL B 49 -1.80 24.98 -16.21
CA VAL B 49 -1.94 25.34 -14.80
C VAL B 49 -1.81 26.84 -14.61
N PHE B 50 -2.64 27.38 -13.71
CA PHE B 50 -2.46 28.74 -13.21
C PHE B 50 -2.53 28.69 -11.67
N ALA B 51 -1.36 28.82 -11.04
CA ALA B 51 -1.24 28.82 -9.59
C ALA B 51 -1.11 30.25 -9.13
N LEU B 52 -1.86 30.61 -8.08
CA LEU B 52 -1.97 32.00 -7.65
C LEU B 52 -1.67 32.12 -6.17
N THR B 53 -0.94 33.17 -5.81
CA THR B 53 -0.71 33.54 -4.41
C THR B 53 -0.70 35.05 -4.35
N GLY B 54 -0.54 35.62 -3.15
CA GLY B 54 -0.44 37.08 -3.04
C GLY B 54 -0.65 37.70 -1.69
N THR B 55 -0.88 39.00 -1.70
CA THR B 55 -0.97 39.80 -0.49
C THR B 55 -2.27 40.61 -0.41
N ASP B 56 -2.72 40.76 0.82
CA ASP B 56 -3.98 41.35 1.17
C ASP B 56 -3.59 42.64 1.92
N GLU B 57 -3.78 43.78 1.28
CA GLU B 57 -3.06 45.02 1.63
C GLU B 57 -3.87 46.18 2.20
N HIS B 58 -5.18 46.14 2.06
CA HIS B 58 -6.03 47.20 2.60
C HIS B 58 -6.39 46.94 4.06
N GLY B 59 -7.08 47.90 4.66
CA GLY B 59 -7.62 47.75 5.99
C GLY B 59 -7.03 48.59 7.10
N GLN B 60 -7.72 48.53 8.22
CA GLN B 60 -7.42 49.33 9.41
C GLN B 60 -6.05 48.99 10.02
N LYS B 61 -5.84 47.69 10.25
CA LYS B 61 -4.61 47.21 10.87
C LYS B 61 -3.36 47.48 10.01
N VAL B 62 -3.46 47.36 8.68
CA VAL B 62 -2.32 47.66 7.81
C VAL B 62 -1.99 49.16 7.86
N ALA B 63 -3.01 50.01 7.82
CA ALA B 63 -2.80 51.45 7.88
C ALA B 63 -2.20 51.90 9.21
N GLU B 64 -2.69 51.34 10.31
CA GLU B 64 -2.14 51.66 11.63
C GLU B 64 -0.68 51.16 11.78
N ALA B 65 -0.34 50.03 11.15
CA ALA B 65 1.03 49.51 11.15
C ALA B 65 1.96 50.38 10.33
N ALA B 66 1.44 50.91 9.23
CA ALA B 66 2.18 51.85 8.41
C ALA B 66 2.40 53.20 9.11
N LYS B 67 1.40 53.66 9.86
CA LYS B 67 1.52 54.91 10.64
C LYS B 67 2.54 54.77 11.76
N GLN B 68 2.57 53.61 12.44
CA GLN B 68 3.60 53.33 13.45
C GLN B 68 5.04 53.32 12.89
N LYS B 69 5.21 52.92 11.64
CA LYS B 69 6.52 52.98 10.97
C LYS B 69 6.84 54.38 10.39
N GLN B 70 5.88 55.31 10.49
CA GLN B 70 5.95 56.65 9.88
C GLN B 70 6.26 56.62 8.38
N VAL B 71 5.55 55.76 7.66
CA VAL B 71 5.62 55.69 6.19
C VAL B 71 4.20 55.63 5.65
N SER B 72 4.03 56.01 4.38
CA SER B 72 2.70 55.97 3.76
C SER B 72 2.23 54.52 3.61
N PRO B 73 0.94 54.29 3.77
CA PRO B 73 0.42 52.92 3.73
C PRO B 73 0.82 52.24 2.44
N TYR B 74 0.81 52.99 1.35
CA TYR B 74 1.20 52.41 0.10
C TYR B 74 2.67 52.00 0.03
N ASP B 75 3.56 52.77 0.60
CA ASP B 75 4.97 52.44 0.59
C ASP B 75 5.26 51.22 1.39
N PHE B 76 4.57 51.15 2.51
CA PHE B 76 4.65 50.08 3.49
C PHE B 76 4.15 48.74 2.95
N THR B 77 3.01 48.75 2.27
CA THR B 77 2.47 47.54 1.67
C THR B 77 3.42 47.05 0.58
N THR B 78 3.91 47.96 -0.26
CA THR B 78 4.88 47.62 -1.32
C THR B 78 6.13 46.95 -0.75
N ALA B 79 6.63 47.47 0.36
CA ALA B 79 7.78 46.88 1.02
C ALA B 79 7.50 45.44 1.49
N VAL B 80 6.41 45.25 2.24
CA VAL B 80 6.10 43.95 2.83
C VAL B 80 5.75 42.94 1.73
N ALA B 81 5.00 43.39 0.73
CA ALA B 81 4.75 42.57 -0.44
C ALA B 81 6.06 42.08 -1.05
N GLY B 82 7.07 42.94 -1.03
CA GLY B 82 8.42 42.58 -1.47
C GLY B 82 9.03 41.47 -0.64
N GLU B 83 8.89 41.57 0.67
CA GLU B 83 9.36 40.53 1.58
C GLU B 83 8.68 39.19 1.27
N PHE B 84 7.37 39.23 0.99
CA PHE B 84 6.62 38.03 0.67
C PHE B 84 7.12 37.43 -0.64
N LYS B 85 7.23 38.27 -1.67
CA LYS B 85 7.73 37.82 -2.98
C LYS B 85 9.10 37.16 -2.89
N LYS B 86 10.01 37.81 -2.17
CA LYS B 86 11.37 37.29 -1.96
C LYS B 86 11.36 35.95 -1.21
N CYS B 87 10.52 35.82 -0.19
CA CYS B 87 10.39 34.57 0.58
C CYS B 87 10.02 33.42 -0.34
N PHE B 88 9.05 33.67 -1.21
CA PHE B 88 8.56 32.64 -2.13
C PHE B 88 9.55 32.33 -3.26
N GLU B 89 10.40 33.29 -3.62
CA GLU B 89 11.53 33.00 -4.52
C GLU B 89 12.56 32.14 -3.78
N GLN B 90 12.85 32.48 -2.52
CA GLN B 90 13.80 31.72 -1.72
C GLN B 90 13.37 30.27 -1.52
N MET B 91 12.09 30.06 -1.26
CA MET B 91 11.51 28.73 -1.14
C MET B 91 11.40 27.93 -2.46
N ASP B 92 11.72 28.55 -3.60
CA ASP B 92 11.81 27.85 -4.89
C ASP B 92 10.44 27.28 -5.35
N TYR B 93 9.40 28.09 -5.17
CA TYR B 93 8.07 27.77 -5.68
C TYR B 93 8.01 28.08 -7.16
N SER B 94 6.92 27.66 -7.80
CA SER B 94 6.66 27.91 -9.19
C SER B 94 5.23 28.41 -9.33
N ILE B 95 4.95 29.53 -8.66
CA ILE B 95 3.63 30.17 -8.70
C ILE B 95 3.58 31.07 -9.92
N ASP B 96 2.46 31.04 -10.64
CA ASP B 96 2.36 31.75 -11.92
C ASP B 96 2.16 33.25 -11.77
N TYR B 97 1.44 33.66 -10.72
CA TYR B 97 1.20 35.07 -10.50
C TYR B 97 1.08 35.40 -9.03
N PHE B 98 1.63 36.56 -8.67
CA PHE B 98 1.57 37.11 -7.34
C PHE B 98 0.66 38.33 -7.42
N ILE B 99 -0.57 38.18 -6.92
CA ILE B 99 -1.54 39.27 -6.94
C ILE B 99 -1.43 40.13 -5.70
N ARG B 100 -1.68 41.42 -5.88
CA ARG B 100 -1.77 42.37 -4.78
C ARG B 100 -3.09 43.12 -4.86
N THR B 101 -3.78 43.27 -3.74
CA THR B 101 -5.10 43.90 -3.73
C THR B 101 -5.07 45.42 -4.01
N THR B 102 -3.89 46.03 -3.92
CA THR B 102 -3.70 47.42 -4.34
C THR B 102 -3.65 47.62 -5.85
N ASN B 103 -3.50 46.51 -6.59
CA ASN B 103 -3.48 46.54 -8.04
C ASN B 103 -4.77 47.17 -8.56
N GLU B 104 -4.65 48.05 -9.55
CA GLU B 104 -5.80 48.79 -10.09
C GLU B 104 -6.81 47.84 -10.74
N GLN B 105 -6.33 46.82 -11.44
CA GLN B 105 -7.20 45.86 -12.12
C GLN B 105 -8.02 45.07 -11.10
N HIS B 106 -7.40 44.74 -9.96
CA HIS B 106 -8.12 44.11 -8.87
C HIS B 106 -9.27 44.99 -8.40
N LYS B 107 -8.98 46.26 -8.16
CA LYS B 107 -9.99 47.20 -7.67
C LYS B 107 -11.18 47.29 -8.65
N ALA B 108 -10.88 47.30 -9.95
CA ALA B 108 -11.90 47.30 -10.99
C ALA B 108 -12.84 46.10 -10.85
N VAL B 109 -12.25 44.91 -10.66
CA VAL B 109 -13.01 43.68 -10.54
C VAL B 109 -13.89 43.74 -9.28
N VAL B 110 -13.34 44.26 -8.18
CA VAL B 110 -14.11 44.42 -6.94
C VAL B 110 -15.32 45.30 -7.16
N LYS B 111 -15.12 46.46 -7.78
CA LYS B 111 -16.23 47.40 -8.06
C LYS B 111 -17.30 46.76 -8.96
N GLU B 112 -16.81 46.09 -10.00
CA GLU B 112 -17.64 45.35 -10.92
C GLU B 112 -18.48 44.30 -10.21
N LEU B 113 -17.84 43.50 -9.34
CA LEU B 113 -18.55 42.50 -8.56
C LEU B 113 -19.55 43.13 -7.59
N TRP B 114 -19.10 44.16 -6.85
CA TRP B 114 -19.95 44.89 -5.92
C TRP B 114 -21.22 45.35 -6.61
N THR B 115 -21.05 45.99 -7.77
CA THR B 115 -22.16 46.53 -8.54
C THR B 115 -23.17 45.45 -8.95
N LYS B 116 -22.69 44.27 -9.38
CA LYS B 116 -23.62 43.18 -9.72
C LYS B 116 -24.45 42.77 -8.51
N LEU B 117 -23.81 42.57 -7.37
CA LEU B 117 -24.52 42.22 -6.16
C LEU B 117 -25.56 43.26 -5.78
N GLU B 118 -25.22 44.55 -5.95
CA GLU B 118 -26.11 45.66 -5.64
CA GLU B 118 -26.14 45.66 -5.64
C GLU B 118 -27.32 45.66 -6.59
N GLN B 119 -27.06 45.63 -7.89
CA GLN B 119 -28.14 45.53 -8.91
C GLN B 119 -29.07 44.33 -8.72
N LYS B 120 -28.50 43.19 -8.37
CA LYS B 120 -29.24 41.96 -8.07
C LYS B 120 -30.16 42.08 -6.82
N GLY B 121 -30.02 43.15 -6.02
CA GLY B 121 -30.82 43.35 -4.81
C GLY B 121 -30.27 42.67 -3.59
N ASP B 122 -29.00 42.24 -3.65
CA ASP B 122 -28.37 41.43 -2.61
C ASP B 122 -27.42 42.22 -1.70
N ILE B 123 -27.12 43.48 -2.05
CA ILE B 123 -26.50 44.40 -1.11
C ILE B 123 -27.47 45.50 -1.00
N TYR B 124 -27.78 45.88 0.23
CA TYR B 124 -28.61 47.04 0.45
C TYR B 124 -27.97 47.98 1.47
N LEU B 125 -28.32 49.26 1.37
CA LEU B 125 -27.86 50.29 2.27
C LEU B 125 -28.85 50.45 3.42
N GLY B 126 -28.35 50.27 4.63
CA GLY B 126 -29.17 50.39 5.84
C GLY B 126 -28.51 51.25 6.90
N ARG B 127 -29.32 51.78 7.80
CA ARG B 127 -28.84 52.55 8.94
C ARG B 127 -28.78 51.54 10.07
N TYR B 128 -27.60 51.32 10.64
CA TYR B 128 -27.44 50.48 11.82
C TYR B 128 -27.30 51.43 12.99
N GLU B 129 -28.10 51.18 14.02
CA GLU B 129 -28.14 51.97 15.26
C GLU B 129 -27.90 50.97 16.40
N GLY B 130 -26.72 51.00 16.98
CA GLY B 130 -26.33 49.98 17.97
C GLY B 130 -24.92 50.16 18.46
N TRP B 131 -24.38 49.13 19.12
CA TRP B 131 -23.01 49.19 19.63
C TRP B 131 -22.01 48.73 18.55
N TYR B 132 -20.79 49.29 18.65
CA TYR B 132 -19.70 48.97 17.74
C TYR B 132 -18.38 49.07 18.49
N SER B 133 -17.51 48.07 18.32
CA SER B 133 -16.14 48.12 18.84
C SER B 133 -15.25 48.52 17.69
N ILE B 134 -14.68 49.72 17.76
CA ILE B 134 -13.78 50.21 16.70
C ILE B 134 -12.50 49.37 16.62
N SER B 135 -11.98 48.96 17.78
CA SER B 135 -10.76 48.10 17.86
C SER B 135 -10.95 46.71 17.22
N ASP B 136 -12.12 46.11 17.42
CA ASP B 136 -12.45 44.82 16.79
C ASP B 136 -13.05 45.00 15.38
N GLU B 137 -13.48 46.21 15.05
CA GLU B 137 -14.21 46.52 13.82
C GLU B 137 -15.52 45.70 13.76
N SER B 138 -16.12 45.43 14.93
CA SER B 138 -17.27 44.50 15.09
C SER B 138 -18.53 45.20 15.54
N PHE B 139 -19.66 44.80 14.94
CA PHE B 139 -20.99 45.15 15.45
C PHE B 139 -21.39 44.18 16.57
N LEU B 140 -21.91 44.72 17.68
CA LEU B 140 -22.24 43.95 18.88
C LEU B 140 -23.65 44.26 19.32
N THR B 141 -24.39 43.24 19.77
CA THR B 141 -25.72 43.43 20.37
C THR B 141 -25.52 43.82 21.85
N PRO B 142 -26.58 44.38 22.51
CA PRO B 142 -26.39 44.83 23.92
C PRO B 142 -25.98 43.71 24.91
N GLN B 143 -26.32 42.46 24.62
CA GLN B 143 -25.90 41.32 25.46
C GLN B 143 -24.40 41.06 25.42
N ASN B 144 -23.71 41.54 24.38
CA ASN B 144 -22.24 41.39 24.27
C ASN B 144 -21.43 42.56 24.83
N ILE B 145 -22.05 43.41 25.65
CA ILE B 145 -21.33 44.51 26.31
C ILE B 145 -21.58 44.52 27.83
N THR B 146 -20.66 45.15 28.56
CA THR B 146 -20.75 45.36 30.03
C THR B 146 -20.04 46.67 30.37
N ASP B 147 -20.16 47.09 31.61
CA ASP B 147 -19.46 48.28 32.12
C ASP B 147 -17.96 48.03 32.23
N GLY B 148 -17.18 49.10 32.10
CA GLY B 148 -15.72 49.01 32.15
C GLY B 148 -15.02 50.36 32.21
N ASN B 154 -12.38 56.07 34.33
CA ASN B 154 -13.32 56.60 33.34
C ASN B 154 -14.43 55.60 32.98
N PRO B 155 -15.68 55.82 33.45
CA PRO B 155 -16.71 54.78 33.28
C PRO B 155 -17.34 54.77 31.87
N CYS B 156 -17.01 53.74 31.09
CA CYS B 156 -17.54 53.54 29.74
C CYS B 156 -18.12 52.13 29.62
N LYS B 157 -18.55 51.77 28.42
CA LYS B 157 -18.97 50.40 28.10
C LYS B 157 -17.87 49.69 27.33
N VAL B 158 -17.77 48.37 27.49
CA VAL B 158 -16.75 47.56 26.83
C VAL B 158 -17.32 46.25 26.27
N SER B 159 -16.59 45.67 25.34
CA SER B 159 -16.97 44.41 24.69
C SER B 159 -16.76 43.25 25.63
N LEU B 160 -17.75 42.39 25.79
CA LEU B 160 -17.61 41.27 26.70
C LEU B 160 -16.52 40.36 26.22
N GLU B 161 -16.49 40.10 24.93
CA GLU B 161 -15.46 39.25 24.35
C GLU B 161 -14.06 39.78 24.31
N SER B 162 -13.84 41.03 23.92
CA SER B 162 -12.44 41.54 23.86
C SER B 162 -12.03 42.57 24.93
N GLY B 163 -13.00 43.11 25.68
CA GLY B 163 -12.71 44.18 26.64
C GLY B 163 -12.35 45.55 26.06
N HIS B 164 -12.39 45.71 24.74
CA HIS B 164 -12.11 47.02 24.10
C HIS B 164 -13.33 47.93 24.21
N VAL B 165 -13.09 49.23 24.03
CA VAL B 165 -14.17 50.22 24.22
C VAL B 165 -15.20 50.10 23.09
N VAL B 166 -16.48 50.17 23.45
CA VAL B 166 -17.57 50.22 22.47
C VAL B 166 -18.22 51.59 22.48
N THR B 167 -18.84 51.93 21.37
CA THR B 167 -19.52 53.21 21.23
C THR B 167 -20.82 52.96 20.53
N TRP B 168 -21.83 53.75 20.87
CA TRP B 168 -23.09 53.71 20.16
C TRP B 168 -22.87 54.44 18.83
N VAL B 169 -23.32 53.83 17.74
CA VAL B 169 -23.18 54.40 16.41
C VAL B 169 -24.56 54.53 15.80
N SER B 170 -24.69 55.49 14.89
CA SER B 170 -25.85 55.58 14.03
C SER B 170 -25.28 55.86 12.66
N GLU B 171 -24.92 54.79 11.94
CA GLU B 171 -24.25 54.87 10.64
C GLU B 171 -25.01 54.14 9.57
N GLU B 172 -25.07 54.74 8.38
CA GLU B 172 -25.38 54.01 7.17
C GLU B 172 -24.29 52.99 6.90
N ASN B 173 -24.68 51.76 6.60
CA ASN B 173 -23.75 50.68 6.30
C ASN B 173 -24.34 49.69 5.31
N TYR B 174 -23.50 49.19 4.39
CA TYR B 174 -23.92 48.21 3.40
C TYR B 174 -23.88 46.75 3.87
N MET B 175 -24.99 46.04 3.61
CA MET B 175 -25.22 44.68 4.10
C MET B 175 -25.50 43.77 2.91
N PHE B 176 -24.76 42.66 2.85
CA PHE B 176 -25.02 41.56 1.92
C PHE B 176 -26.05 40.59 2.50
N ARG B 177 -27.04 40.19 1.70
CA ARG B 177 -28.17 39.37 2.17
C ARG B 177 -27.80 37.87 2.22
N LEU B 178 -26.83 37.55 3.06
CA LEU B 178 -26.34 36.18 3.17
C LEU B 178 -27.43 35.20 3.59
N SER B 179 -28.37 35.66 4.42
CA SER B 179 -29.50 34.82 4.88
C SER B 179 -30.32 34.21 3.74
N ALA B 180 -30.43 34.95 2.63
CA ALA B 180 -31.13 34.46 1.43
C ALA B 180 -30.46 33.27 0.74
N PHE B 181 -29.19 32.99 1.04
CA PHE B 181 -28.41 31.94 0.37
C PHE B 181 -28.25 30.64 1.15
N ARG B 182 -28.91 30.52 2.29
CA ARG B 182 -28.81 29.32 3.13
C ARG B 182 -29.23 28.04 2.40
N GLU B 183 -30.40 28.05 1.77
CA GLU B 183 -30.90 26.87 1.06
C GLU B 183 -29.97 26.50 -0.11
N ARG B 184 -29.59 27.49 -0.91
CA ARG B 184 -28.71 27.25 -2.06
C ARG B 184 -27.31 26.74 -1.68
N LEU B 185 -26.77 27.20 -0.55
CA LEU B 185 -25.48 26.71 -0.05
C LEU B 185 -25.59 25.25 0.38
N LEU B 186 -26.63 24.95 1.15
CA LEU B 186 -26.90 23.58 1.56
C LEU B 186 -27.10 22.64 0.36
N GLU B 187 -27.80 23.09 -0.69
CA GLU B 187 -27.90 22.33 -1.95
C GLU B 187 -26.53 22.05 -2.52
N TRP B 188 -25.71 23.08 -2.59
CA TRP B 188 -24.36 22.96 -3.10
C TRP B 188 -23.51 21.96 -2.30
N TYR B 189 -23.51 22.08 -0.98
CA TYR B 189 -22.71 21.16 -0.13
C TYR B 189 -23.11 19.69 -0.34
N HIS B 190 -24.43 19.44 -0.33
CA HIS B 190 -25.01 18.11 -0.48
CA HIS B 190 -24.98 18.10 -0.47
C HIS B 190 -24.80 17.56 -1.89
N ALA B 191 -25.00 18.39 -2.90
CA ALA B 191 -24.77 17.98 -4.30
C ALA B 191 -23.31 17.69 -4.65
N ASN B 192 -22.37 18.27 -3.91
CA ASN B 192 -20.94 18.17 -4.21
C ASN B 192 -20.18 17.75 -2.95
N PRO B 193 -20.37 16.49 -2.53
CA PRO B 193 -19.87 16.05 -1.23
C PRO B 193 -18.35 16.04 -1.05
N GLY B 194 -17.58 16.19 -2.14
CA GLY B 194 -16.13 16.41 -2.03
C GLY B 194 -15.67 17.86 -2.17
N CYS B 195 -16.60 18.82 -2.09
CA CYS B 195 -16.24 20.23 -2.31
C CYS B 195 -15.49 20.86 -1.15
N ILE B 196 -15.59 20.27 0.05
CA ILE B 196 -14.83 20.73 1.21
C ILE B 196 -14.06 19.56 1.80
N VAL B 197 -12.75 19.71 1.91
CA VAL B 197 -11.85 18.68 2.41
C VAL B 197 -11.04 19.33 3.54
N PRO B 198 -10.76 18.63 4.63
CA PRO B 198 -11.19 17.25 4.86
C PRO B 198 -12.63 17.16 5.30
N GLU B 199 -13.16 15.94 5.29
CA GLU B 199 -14.57 15.67 5.46
C GLU B 199 -15.16 16.19 6.79
N PHE B 200 -14.42 16.12 7.89
CA PHE B 200 -14.93 16.69 9.15
C PHE B 200 -15.14 18.22 9.12
N ARG B 201 -14.39 18.91 8.27
CA ARG B 201 -14.59 20.35 8.06
C ARG B 201 -15.80 20.60 7.18
N ARG B 202 -16.05 19.73 6.20
CA ARG B 202 -17.27 19.82 5.42
C ARG B 202 -18.48 19.71 6.33
N ARG B 203 -18.44 18.73 7.24
CA ARG B 203 -19.52 18.50 8.20
C ARG B 203 -19.72 19.73 9.11
N GLU B 204 -18.63 20.32 9.59
CA GLU B 204 -18.66 21.55 10.42
C GLU B 204 -19.37 22.70 9.70
N VAL B 205 -19.03 22.92 8.43
CA VAL B 205 -19.62 24.01 7.64
C VAL B 205 -21.11 23.81 7.53
N ILE B 206 -21.52 22.59 7.18
CA ILE B 206 -22.93 22.28 6.96
C ILE B 206 -23.72 22.48 8.23
N ARG B 207 -23.21 22.00 9.36
CA ARG B 207 -23.88 22.19 10.64
C ARG B 207 -24.14 23.67 10.90
N ALA B 208 -23.14 24.51 10.61
CA ALA B 208 -23.21 25.97 10.83
C ALA B 208 -24.25 26.64 9.94
N VAL B 209 -24.28 26.27 8.66
CA VAL B 209 -25.26 26.83 7.72
C VAL B 209 -26.66 26.30 8.04
N GLU B 210 -26.77 25.05 8.50
CA GLU B 210 -28.06 24.51 8.99
C GLU B 210 -28.59 25.33 10.18
N LYS B 211 -27.71 25.76 11.09
CA LYS B 211 -28.12 26.60 12.22
C LYS B 211 -28.72 27.97 11.83
N GLY B 212 -28.40 28.48 10.65
CA GLY B 212 -29.02 29.71 10.11
C GLY B 212 -27.92 30.70 9.85
N LEU B 213 -28.17 31.62 8.92
CA LEU B 213 -27.17 32.61 8.52
C LEU B 213 -27.66 34.06 8.68
N PRO B 214 -26.88 34.90 9.39
CA PRO B 214 -27.19 36.34 9.39
C PRO B 214 -26.76 37.00 8.08
N ASP B 215 -27.33 38.16 7.77
CA ASP B 215 -26.80 39.00 6.71
C ASP B 215 -25.41 39.48 7.11
N LEU B 216 -24.58 39.80 6.12
CA LEU B 216 -23.18 40.10 6.36
C LEU B 216 -22.87 41.54 5.99
N SER B 217 -22.25 42.26 6.92
CA SER B 217 -21.79 43.62 6.64
C SER B 217 -20.62 43.60 5.68
N VAL B 218 -20.76 44.30 4.55
CA VAL B 218 -19.72 44.34 3.52
C VAL B 218 -19.05 45.72 3.33
N SER B 219 -19.44 46.72 4.11
CA SER B 219 -18.76 48.06 4.06
C SER B 219 -18.38 48.60 5.42
N ARG B 220 -17.44 49.55 5.43
CA ARG B 220 -17.14 50.37 6.61
C ARG B 220 -17.02 51.84 6.26
N ALA B 221 -17.29 52.68 7.25
CA ALA B 221 -17.09 54.13 7.12
C ALA B 221 -15.61 54.40 6.90
N ARG B 222 -15.28 55.27 5.94
CA ARG B 222 -13.90 55.47 5.50
C ARG B 222 -12.90 55.95 6.59
N ALA B 223 -13.38 56.72 7.56
CA ALA B 223 -12.53 57.20 8.66
C ALA B 223 -12.03 56.05 9.54
N THR B 224 -12.87 55.02 9.76
CA THR B 224 -12.50 53.85 10.59
C THR B 224 -11.35 53.07 9.99
N LEU B 225 -11.25 53.07 8.65
CA LEU B 225 -10.17 52.41 7.93
C LEU B 225 -8.98 53.32 7.57
N HIS B 226 -8.96 54.53 8.12
CA HIS B 226 -7.93 55.52 7.78
C HIS B 226 -7.82 55.71 6.27
N ASN B 227 -8.98 55.62 5.61
CA ASN B 227 -9.10 55.75 4.18
C ASN B 227 -8.30 54.80 3.31
N TRP B 228 -7.84 53.70 3.88
CA TRP B 228 -6.99 52.76 3.18
C TRP B 228 -7.76 51.50 2.76
N ALA B 229 -8.52 51.66 1.68
CA ALA B 229 -9.48 50.65 1.22
C ALA B 229 -10.09 51.05 -0.13
N ILE B 230 -10.86 50.13 -0.72
CA ILE B 230 -11.51 50.38 -2.00
C ILE B 230 -12.81 51.14 -1.74
N PRO B 231 -13.04 52.27 -2.44
CA PRO B 231 -14.29 52.99 -2.22
C PRO B 231 -15.49 52.24 -2.74
N VAL B 232 -16.61 52.34 -2.03
CA VAL B 232 -17.87 51.78 -2.52
C VAL B 232 -18.27 52.54 -3.80
N PRO B 233 -18.56 51.81 -4.90
CA PRO B 233 -19.06 52.44 -6.12
C PRO B 233 -20.26 53.31 -5.86
N GLY B 234 -20.15 54.58 -6.26
CA GLY B 234 -21.21 55.56 -6.06
C GLY B 234 -21.40 56.07 -4.65
N ASN B 235 -20.49 55.76 -3.73
CA ASN B 235 -20.58 56.27 -2.37
C ASN B 235 -19.21 56.33 -1.71
N PRO B 236 -18.43 57.39 -2.02
CA PRO B 236 -17.10 57.51 -1.44
C PRO B 236 -17.01 57.67 0.09
N ASP B 237 -18.12 57.92 0.80
CA ASP B 237 -18.13 57.89 2.27
C ASP B 237 -17.83 56.51 2.86
N HIS B 238 -18.12 55.45 2.08
CA HIS B 238 -17.92 54.06 2.50
C HIS B 238 -16.84 53.37 1.71
N CYS B 239 -16.21 52.41 2.37
CA CYS B 239 -15.16 51.61 1.79
C CYS B 239 -15.61 50.15 1.81
N VAL B 240 -15.12 49.38 0.85
CA VAL B 240 -15.46 47.97 0.73
C VAL B 240 -14.68 47.18 1.75
N TYR B 241 -15.39 46.40 2.55
CA TYR B 241 -14.72 45.74 3.64
C TYR B 241 -13.93 44.46 3.14
N VAL B 242 -13.27 43.77 4.06
CA VAL B 242 -12.44 42.59 3.78
C VAL B 242 -13.10 41.49 2.95
N TRP B 243 -14.41 41.31 3.08
CA TRP B 243 -15.07 40.17 2.45
C TRP B 243 -14.97 40.33 0.94
N LEU B 244 -15.54 41.40 0.39
CA LEU B 244 -15.56 41.58 -1.06
C LEU B 244 -14.24 42.02 -1.66
N ASP B 245 -13.32 42.60 -0.88
CA ASP B 245 -12.00 42.91 -1.41
C ASP B 245 -11.11 41.68 -1.59
N ALA B 246 -10.80 41.00 -0.49
CA ALA B 246 -9.79 39.94 -0.49
C ALA B 246 -10.21 38.70 -1.27
N LEU B 247 -11.39 38.15 -0.94
CA LEU B 247 -11.91 36.97 -1.63
C LEU B 247 -11.93 37.15 -3.14
N THR B 248 -12.19 38.38 -3.57
CA THR B 248 -12.30 38.68 -5.00
C THR B 248 -10.97 38.54 -5.77
N ASN B 249 -9.84 38.50 -5.06
CA ASN B 249 -8.54 38.26 -5.73
C ASN B 249 -8.57 37.02 -6.65
N TYR B 250 -9.31 36.00 -6.24
CA TYR B 250 -9.40 34.77 -7.02
C TYR B 250 -10.03 35.02 -8.37
N LEU B 251 -11.06 35.86 -8.39
CA LEU B 251 -11.70 36.28 -9.63
C LEU B 251 -10.80 37.17 -10.49
N THR B 252 -10.23 38.20 -9.88
CA THR B 252 -9.26 39.04 -10.55
C THR B 252 -8.17 38.20 -11.20
N GLY B 253 -7.57 37.31 -10.40
CA GLY B 253 -6.48 36.47 -10.87
C GLY B 253 -6.84 35.68 -12.12
N SER B 254 -8.07 35.17 -12.14
CA SER B 254 -8.56 34.36 -13.25
C SER B 254 -8.74 35.15 -14.53
N ARG B 255 -8.71 36.48 -14.42
CA ARG B 255 -8.92 37.37 -15.54
C ARG B 255 -7.69 38.16 -16.00
N LEU B 256 -6.52 37.93 -15.38
CA LEU B 256 -5.29 38.63 -15.77
C LEU B 256 -4.44 37.86 -16.78
N ARG B 257 -4.24 38.42 -17.96
CA ARG B 257 -3.15 37.98 -18.86
C ARG B 257 -1.83 38.41 -18.26
N VAL B 258 -0.90 37.47 -18.18
CA VAL B 258 0.38 37.70 -17.54
C VAL B 258 1.48 37.46 -18.57
N ASP B 259 2.58 38.21 -18.48
CA ASP B 259 3.73 38.06 -19.41
C ASP B 259 4.79 37.07 -18.87
N GLU B 260 5.90 36.92 -19.59
CA GLU B 260 6.98 35.99 -19.21
C GLU B 260 7.71 36.34 -17.91
N SER B 261 7.80 37.64 -17.58
CA SER B 261 8.41 38.08 -16.33
C SER B 261 7.43 38.04 -15.12
N GLY B 262 6.17 37.70 -15.36
CA GLY B 262 5.17 37.56 -14.29
C GLY B 262 4.36 38.81 -13.95
N LYS B 263 4.44 39.85 -14.80
CA LYS B 263 3.69 41.10 -14.59
C LYS B 263 2.36 41.05 -15.35
N GLU B 264 1.30 41.57 -14.72
CA GLU B 264 -0.04 41.60 -15.33
C GLU B 264 -0.07 42.64 -16.44
N VAL B 265 -0.51 42.23 -17.62
CA VAL B 265 -0.48 43.07 -18.82
C VAL B 265 -1.88 43.58 -19.23
N SER B 266 -2.93 42.91 -18.75
CA SER B 266 -4.27 43.09 -19.31
C SER B 266 -5.29 42.37 -18.45
N LEU B 267 -6.48 42.96 -18.33
CA LEU B 267 -7.57 42.36 -17.59
C LEU B 267 -8.71 42.08 -18.54
N VAL B 268 -8.96 40.82 -18.85
CA VAL B 268 -10.05 40.49 -19.77
C VAL B 268 -11.43 40.74 -19.12
N ASP B 269 -12.45 41.01 -19.95
CA ASP B 269 -13.83 41.23 -19.47
C ASP B 269 -14.50 39.97 -19.00
N ASP B 270 -14.41 38.93 -19.83
CA ASP B 270 -15.08 37.64 -19.59
C ASP B 270 -14.05 36.64 -19.06
N PHE B 271 -14.28 36.11 -17.86
CA PHE B 271 -13.37 35.13 -17.25
C PHE B 271 -13.17 33.90 -18.14
N ASN B 272 -14.22 33.48 -18.85
CA ASN B 272 -14.12 32.33 -19.76
C ASN B 272 -13.02 32.45 -20.81
N GLU B 273 -12.64 33.67 -21.19
CA GLU B 273 -11.57 33.86 -22.16
C GLU B 273 -10.26 33.14 -21.74
N LEU B 274 -9.92 33.18 -20.45
CA LEU B 274 -8.69 32.55 -19.94
C LEU B 274 -8.86 31.15 -19.36
N GLU B 275 -10.12 30.70 -19.21
CA GLU B 275 -10.45 29.30 -18.83
C GLU B 275 -9.96 28.88 -17.43
N ARG B 276 -9.79 29.84 -16.52
CA ARG B 276 -9.28 29.58 -15.16
C ARG B 276 -10.39 29.49 -14.13
N PHE B 277 -11.33 30.43 -14.19
CA PHE B 277 -12.39 30.48 -13.20
C PHE B 277 -13.42 29.39 -13.45
N PRO B 278 -13.96 28.75 -12.41
CA PRO B 278 -13.59 28.94 -11.00
C PRO B 278 -12.44 28.05 -10.63
N ALA B 279 -11.88 28.32 -9.45
CA ALA B 279 -10.79 27.50 -8.92
C ALA B 279 -11.17 26.04 -8.85
N ASP B 280 -10.20 25.22 -9.20
CA ASP B 280 -10.29 23.78 -9.00
C ASP B 280 -9.96 23.44 -7.54
N VAL B 281 -8.97 24.14 -6.97
CA VAL B 281 -8.64 24.04 -5.56
C VAL B 281 -8.31 25.40 -4.92
N HIS B 282 -9.09 25.79 -3.92
CA HIS B 282 -8.67 26.84 -3.00
C HIS B 282 -7.98 26.19 -1.81
N VAL B 283 -6.67 26.41 -1.66
CA VAL B 283 -5.96 26.02 -0.46
C VAL B 283 -6.12 27.14 0.56
N ILE B 284 -6.54 26.77 1.78
CA ILE B 284 -6.65 27.69 2.90
C ILE B 284 -6.25 27.02 4.20
N GLY B 285 -6.00 27.83 5.23
CA GLY B 285 -5.90 27.34 6.60
C GLY B 285 -7.30 27.22 7.20
N LYS B 286 -7.42 26.45 8.27
CA LYS B 286 -8.73 26.18 8.89
C LYS B 286 -9.40 27.44 9.44
N ASP B 287 -8.59 28.42 9.82
CA ASP B 287 -9.07 29.68 10.38
C ASP B 287 -9.90 30.57 9.42
N ILE B 288 -9.86 30.33 8.12
CA ILE B 288 -10.63 31.15 7.16
C ILE B 288 -11.65 30.34 6.36
N LEU B 289 -12.06 29.21 6.91
CA LEU B 289 -13.00 28.29 6.25
C LEU B 289 -14.36 28.90 6.00
N LYS B 290 -14.89 29.57 7.02
CA LYS B 290 -16.20 30.16 6.91
C LYS B 290 -16.26 31.16 5.74
N PHE B 291 -15.19 31.93 5.55
CA PHE B 291 -15.16 32.97 4.49
C PHE B 291 -15.16 32.34 3.09
N HIS B 292 -14.47 31.22 2.97
CA HIS B 292 -14.34 30.53 1.69
C HIS B 292 -15.47 29.54 1.40
N ALA B 293 -16.04 28.93 2.42
CA ALA B 293 -17.09 27.93 2.22
C ALA B 293 -18.51 28.48 2.34
N ILE B 294 -18.67 29.66 2.93
CA ILE B 294 -20.00 30.25 3.15
C ILE B 294 -20.13 31.56 2.38
N TYR B 295 -19.32 32.56 2.73
CA TYR B 295 -19.44 33.91 2.14
C TYR B 295 -19.13 33.93 0.63
N TRP B 296 -17.96 33.41 0.29
CA TRP B 296 -17.48 33.35 -1.09
C TRP B 296 -18.48 32.70 -2.06
N PRO B 297 -18.94 31.46 -1.78
CA PRO B 297 -19.95 30.90 -2.68
C PRO B 297 -21.27 31.69 -2.73
N ALA B 298 -21.66 32.29 -1.61
CA ALA B 298 -22.86 33.13 -1.58
C ALA B 298 -22.71 34.33 -2.52
N PHE B 299 -21.53 34.94 -2.53
CA PHE B 299 -21.22 36.06 -3.43
C PHE B 299 -21.29 35.62 -4.89
N LEU B 300 -20.73 34.45 -5.16
CA LEU B 300 -20.69 33.92 -6.52
C LEU B 300 -22.11 33.55 -6.97
N LEU B 301 -22.88 32.97 -6.05
CA LEU B 301 -24.29 32.66 -6.32
C LEU B 301 -25.09 33.92 -6.67
N SER B 302 -24.95 34.97 -5.86
CA SER B 302 -25.59 36.26 -6.14
C SER B 302 -25.25 36.76 -7.53
N ALA B 303 -23.99 36.66 -7.92
CA ALA B 303 -23.50 37.20 -9.20
C ALA B 303 -23.74 36.28 -10.41
N GLY B 304 -24.29 35.10 -10.17
CA GLY B 304 -24.43 34.11 -11.22
C GLY B 304 -23.10 33.59 -11.75
N LEU B 305 -22.08 33.55 -10.89
CA LEU B 305 -20.76 33.04 -11.25
C LEU B 305 -20.62 31.59 -10.80
N PRO B 306 -19.81 30.79 -11.51
CA PRO B 306 -19.59 29.40 -11.11
C PRO B 306 -18.79 29.28 -9.81
N LEU B 307 -19.06 28.19 -9.10
CA LEU B 307 -18.48 27.95 -7.78
C LEU B 307 -17.22 27.11 -7.90
N PRO B 308 -16.30 27.26 -6.93
CA PRO B 308 -15.09 26.43 -6.96
C PRO B 308 -15.42 24.94 -6.79
N LYS B 309 -14.52 24.08 -7.26
CA LYS B 309 -14.72 22.63 -7.17
C LYS B 309 -14.40 22.12 -5.79
N LYS B 310 -13.25 22.52 -5.26
CA LYS B 310 -12.80 22.11 -3.93
C LYS B 310 -12.18 23.23 -3.14
N ILE B 311 -12.46 23.22 -1.83
CA ILE B 311 -11.76 24.02 -0.85
C ILE B 311 -11.06 23.02 0.06
N VAL B 312 -9.75 23.16 0.21
CA VAL B 312 -8.99 22.29 1.09
C VAL B 312 -8.43 23.11 2.26
N ALA B 313 -8.76 22.70 3.49
CA ALA B 313 -8.47 23.45 4.70
C ALA B 313 -7.53 22.67 5.60
N HIS B 314 -6.28 23.11 5.66
CA HIS B 314 -5.25 22.42 6.45
C HIS B 314 -5.24 22.87 7.92
N GLY B 315 -4.36 22.28 8.72
CA GLY B 315 -4.12 22.66 10.13
C GLY B 315 -2.96 23.63 10.38
N TRP B 316 -2.87 24.20 11.58
CA TRP B 316 -1.69 24.99 12.02
C TRP B 316 -0.45 24.10 12.27
N TRP B 317 0.68 24.75 12.59
CA TRP B 317 1.90 24.10 13.09
C TRP B 317 2.30 24.51 14.52
N THR B 318 3.05 23.63 15.19
CA THR B 318 3.86 23.93 16.38
C THR B 318 5.33 23.47 16.20
N LYS B 319 6.27 24.01 16.99
CA LYS B 319 7.68 23.51 17.02
C LYS B 319 8.07 23.00 18.42
N ASP B 320 8.47 21.72 18.48
CA ASP B 320 8.79 21.00 19.73
C ASP B 320 7.59 20.95 20.68
N ARG B 321 6.42 20.69 20.11
CA ARG B 321 5.13 20.61 20.83
C ARG B 321 4.70 21.87 21.62
N LYS B 322 5.22 23.04 21.24
CA LYS B 322 4.87 24.34 21.87
C LYS B 322 4.46 25.37 20.81
N LYS B 323 3.68 26.36 21.23
CA LYS B 323 3.27 27.49 20.36
C LYS B 323 4.50 28.24 19.79
N ILE B 324 4.44 28.55 18.49
CA ILE B 324 5.52 29.27 17.80
C ILE B 324 5.28 30.79 17.92
N SER B 325 6.26 31.52 18.45
CA SER B 325 6.30 32.99 18.33
C SER B 325 7.73 33.51 18.48
N LYS B 326 7.96 34.78 18.11
CA LYS B 326 9.26 35.45 18.33
C LYS B 326 9.39 35.75 19.82
N SER B 327 8.26 36.15 20.43
CA SER B 327 8.04 36.06 21.89
C SER B 327 7.84 34.60 22.30
N LEU B 328 7.85 34.34 23.60
CA LEU B 328 7.78 32.96 24.14
C LEU B 328 8.99 32.07 23.75
N GLY B 329 9.95 32.64 23.04
CA GLY B 329 11.12 31.92 22.59
C GLY B 329 10.91 30.60 21.87
N ASN B 330 10.29 30.64 20.71
CA ASN B 330 10.05 29.44 19.93
C ASN B 330 9.95 29.78 18.45
N VAL B 331 11.08 30.00 17.83
CA VAL B 331 11.08 30.35 16.40
C VAL B 331 11.15 29.09 15.53
N PHE B 332 10.57 29.16 14.33
CA PHE B 332 10.72 28.12 13.31
C PHE B 332 10.73 28.78 11.92
N ASP B 333 11.93 29.17 11.49
CA ASP B 333 12.12 29.86 10.22
C ASP B 333 12.40 28.84 9.08
N PRO B 334 11.47 28.73 8.11
CA PRO B 334 11.66 27.76 7.03
C PRO B 334 12.90 27.97 6.17
N VAL B 335 13.29 29.22 5.93
CA VAL B 335 14.47 29.50 5.09
C VAL B 335 15.72 29.03 5.84
N GLU B 336 15.74 29.21 7.15
CA GLU B 336 16.84 28.73 7.97
C GLU B 336 16.94 27.21 7.90
N LYS B 337 15.83 26.52 8.15
CA LYS B 337 15.83 25.04 8.13
C LYS B 337 16.10 24.44 6.75
N ALA B 338 15.62 25.08 5.69
CA ALA B 338 15.95 24.66 4.32
C ALA B 338 17.46 24.73 4.03
N GLU B 339 18.12 25.77 4.56
CA GLU B 339 19.59 25.91 4.43
C GLU B 339 20.34 24.86 5.27
N GLU B 340 19.75 24.47 6.40
CA GLU B 340 20.34 23.47 7.32
C GLU B 340 20.22 22.05 6.76
N PHE B 341 19.01 21.69 6.30
CA PHE B 341 18.66 20.30 5.92
C PHE B 341 18.38 20.05 4.43
N GLY B 342 18.32 21.10 3.61
CA GLY B 342 17.92 20.99 2.19
C GLY B 342 16.50 21.49 1.93
N TYR B 343 16.29 22.07 0.75
CA TYR B 343 14.98 22.67 0.43
C TYR B 343 13.89 21.63 0.16
N ASP B 344 14.13 20.76 -0.81
CA ASP B 344 13.21 19.67 -1.13
C ASP B 344 12.94 18.81 0.11
N ALA B 345 13.97 18.59 0.91
CA ALA B 345 13.83 17.78 2.12
C ALA B 345 12.85 18.40 3.12
N LEU B 346 12.96 19.71 3.32
CA LEU B 346 12.06 20.41 4.23
C LEU B 346 10.63 20.34 3.72
N LYS B 347 10.46 20.61 2.43
CA LYS B 347 9.14 20.54 1.79
C LYS B 347 8.54 19.14 1.98
N TYR B 348 9.36 18.13 1.67
CA TYR B 348 8.99 16.75 1.91
C TYR B 348 8.53 16.52 3.33
N PHE B 349 9.31 17.04 4.29
CA PHE B 349 8.96 16.85 5.69
C PHE B 349 7.61 17.46 6.09
N LEU B 350 7.37 18.69 5.66
CA LEU B 350 6.14 19.40 6.04
C LEU B 350 4.90 18.70 5.47
N LEU B 351 5.06 18.23 4.24
CA LEU B 351 3.99 17.56 3.53
C LEU B 351 3.76 16.14 4.01
N ARG B 352 4.86 15.42 4.32
CA ARG B 352 4.77 14.05 4.84
C ARG B 352 4.32 13.97 6.30
N GLU B 353 4.78 14.92 7.11
CA GLU B 353 4.62 14.82 8.55
C GLU B 353 3.19 15.07 9.01
N SER B 354 2.46 15.94 8.30
CA SER B 354 1.09 16.26 8.70
C SER B 354 0.07 16.15 7.59
N GLY B 355 -1.02 15.47 7.94
CA GLY B 355 -2.22 15.50 7.13
C GLY B 355 -2.95 16.81 7.34
N PHE B 356 -3.96 17.04 6.49
CA PHE B 356 -4.74 18.28 6.53
C PHE B 356 -5.74 18.28 7.68
N SER B 357 -6.06 17.09 8.21
CA SER B 357 -6.78 16.97 9.49
C SER B 357 -5.92 17.37 10.68
N ASP B 358 -4.64 17.04 10.62
CA ASP B 358 -3.77 17.21 11.76
C ASP B 358 -3.16 18.61 11.81
N ASP B 359 -2.93 19.08 13.03
CA ASP B 359 -1.94 20.13 13.25
C ASP B 359 -0.51 19.58 13.33
N GLY B 360 0.29 19.89 12.31
CA GLY B 360 1.71 19.44 12.23
C GLY B 360 2.60 19.68 13.45
N ASP B 361 3.69 18.89 13.57
CA ASP B 361 4.74 19.09 14.62
C ASP B 361 6.19 18.83 14.14
N TYR B 362 6.97 19.90 14.05
CA TYR B 362 8.37 19.83 13.61
C TYR B 362 9.32 19.62 14.79
N SER B 363 10.36 18.82 14.59
CA SER B 363 11.50 18.81 15.49
C SER B 363 12.69 18.37 14.68
N ASP B 364 13.87 18.80 15.09
CA ASP B 364 15.11 18.38 14.43
C ASP B 364 15.26 16.86 14.47
N LYS B 365 14.90 16.26 15.60
CA LYS B 365 14.88 14.81 15.74
C LYS B 365 14.10 14.14 14.61
N ASN B 366 12.84 14.56 14.41
CA ASN B 366 11.94 13.96 13.40
C ASN B 366 12.29 14.30 11.95
N MET B 367 12.73 15.53 11.72
CA MET B 367 13.24 15.92 10.41
C MET B 367 14.41 15.04 9.95
N ILE B 368 15.32 14.78 10.87
CA ILE B 368 16.46 13.92 10.60
C ILE B 368 16.02 12.45 10.45
N ALA B 369 15.08 12.01 11.30
CA ALA B 369 14.54 10.66 11.19
C ALA B 369 13.99 10.39 9.79
N ARG B 370 13.22 11.35 9.27
CA ARG B 370 12.63 11.22 7.93
C ARG B 370 13.64 11.43 6.81
N LEU B 371 14.51 12.41 6.98
CA LEU B 371 15.60 12.64 6.02
C LEU B 371 16.43 11.35 5.80
N ASN B 372 16.85 10.74 6.89
CA ASN B 372 17.71 9.56 6.81
C ASN B 372 16.94 8.29 6.45
N GLY B 373 15.83 8.07 7.16
CA GLY B 373 14.99 6.88 6.97
C GLY B 373 14.32 6.74 5.61
N GLU B 374 13.74 7.83 5.13
CA GLU B 374 12.98 7.81 3.87
C GLU B 374 13.77 8.37 2.70
N LEU B 375 14.28 9.59 2.81
CA LEU B 375 14.94 10.23 1.65
C LEU B 375 16.28 9.57 1.28
N ALA B 376 17.11 9.34 2.28
CA ALA B 376 18.43 8.71 2.07
C ALA B 376 18.34 7.18 1.95
N ASP B 377 17.85 6.52 2.99
CA ASP B 377 17.86 5.05 3.03
C ASP B 377 16.91 4.40 2.05
N THR B 378 15.74 4.99 1.79
CA THR B 378 14.76 4.36 0.90
C THR B 378 14.95 4.82 -0.53
N LEU B 379 14.85 6.12 -0.77
CA LEU B 379 14.92 6.65 -2.14
C LEU B 379 16.36 6.76 -2.64
N GLY B 380 17.19 7.49 -1.90
CA GLY B 380 18.57 7.78 -2.31
C GLY B 380 19.40 6.54 -2.55
N ASN B 381 19.40 5.67 -1.54
CA ASN B 381 19.98 4.31 -1.63
C ASN B 381 19.64 3.56 -2.93
N LEU B 382 18.36 3.57 -3.26
CA LEU B 382 17.83 2.85 -4.39
C LEU B 382 18.31 3.44 -5.71
N VAL B 383 18.43 4.76 -5.75
CA VAL B 383 18.90 5.46 -6.94
C VAL B 383 20.36 5.09 -7.23
N MET B 384 21.17 5.02 -6.17
CA MET B 384 22.57 4.67 -6.31
C MET B 384 22.74 3.22 -6.78
N ARG B 385 22.05 2.29 -6.12
CA ARG B 385 22.08 0.86 -6.53
C ARG B 385 21.83 0.63 -8.02
N CYS B 386 20.76 1.21 -8.57
CA CYS B 386 20.42 0.95 -9.96
C CYS B 386 21.31 1.69 -10.99
N THR B 387 22.10 2.64 -10.53
CA THR B 387 22.98 3.41 -11.41
C THR B 387 24.47 3.11 -11.24
N SER B 388 24.88 2.45 -10.15
CA SER B 388 26.31 2.24 -9.86
C SER B 388 26.99 1.40 -10.93
N ALA B 389 28.27 1.68 -11.17
CA ALA B 389 29.09 0.95 -12.14
C ALA B 389 29.18 -0.54 -11.78
N LYS B 390 29.26 -0.79 -10.47
CA LYS B 390 29.32 -2.15 -9.88
C LYS B 390 28.18 -3.05 -10.36
N ILE B 391 26.96 -2.53 -10.34
CA ILE B 391 25.75 -3.30 -10.66
C ILE B 391 25.31 -3.06 -12.12
N ASN B 392 25.16 -1.80 -12.48
CA ASN B 392 24.84 -1.40 -13.86
C ASN B 392 26.15 -1.21 -14.62
N VAL B 393 26.69 -2.31 -15.13
CA VAL B 393 28.04 -2.32 -15.71
C VAL B 393 28.13 -1.55 -17.02
N ASN B 394 27.10 -1.62 -17.86
CA ASN B 394 27.11 -0.88 -19.12
C ASN B 394 26.67 0.58 -19.05
N GLY B 395 26.20 1.02 -17.87
CA GLY B 395 25.66 2.36 -17.69
C GLY B 395 24.52 2.63 -18.65
N GLU B 396 23.51 1.77 -18.63
CA GLU B 396 22.35 1.91 -19.51
C GLU B 396 21.14 1.18 -18.96
N TRP B 397 19.99 1.43 -19.58
CA TRP B 397 18.76 0.72 -19.30
C TRP B 397 18.81 -0.59 -20.08
N PRO B 398 18.97 -1.74 -19.38
CA PRO B 398 19.01 -2.98 -20.14
C PRO B 398 17.63 -3.41 -20.61
N SER B 399 17.64 -4.34 -21.56
CA SER B 399 16.43 -4.92 -22.12
C SER B 399 16.06 -6.11 -21.24
N PRO B 400 14.83 -6.18 -20.72
CA PRO B 400 14.54 -7.24 -19.76
C PRO B 400 14.41 -8.62 -20.41
N ALA B 401 14.75 -9.67 -19.66
CA ALA B 401 14.46 -11.06 -20.06
C ALA B 401 13.09 -11.43 -19.54
N ALA B 402 12.76 -12.73 -19.49
CA ALA B 402 11.42 -13.15 -19.09
C ALA B 402 11.14 -12.79 -17.64
N TYR B 403 9.89 -12.43 -17.36
CA TYR B 403 9.49 -11.99 -16.04
C TYR B 403 9.03 -13.18 -15.21
N THR B 404 9.55 -13.28 -13.99
CA THR B 404 8.99 -14.22 -12.98
C THR B 404 7.70 -13.67 -12.40
N GLU B 405 7.00 -14.48 -11.63
CA GLU B 405 5.82 -14.01 -10.91
C GLU B 405 6.17 -12.98 -9.85
N GLU B 406 7.36 -13.07 -9.26
CA GLU B 406 7.82 -12.06 -8.31
C GLU B 406 8.07 -10.72 -9.02
N ASP B 407 8.69 -10.78 -10.20
CA ASP B 407 8.84 -9.61 -11.04
C ASP B 407 7.47 -8.99 -11.31
N GLU B 408 6.52 -9.81 -11.77
CA GLU B 408 5.18 -9.33 -12.10
C GLU B 408 4.50 -8.63 -10.93
N SER B 409 4.72 -9.13 -9.71
CA SER B 409 4.05 -8.58 -8.52
C SER B 409 4.50 -7.14 -8.25
N LEU B 410 5.80 -6.89 -8.40
CA LEU B 410 6.36 -5.55 -8.28
C LEU B 410 5.94 -4.65 -9.43
N ILE B 411 5.98 -5.19 -10.66
CA ILE B 411 5.54 -4.46 -11.84
C ILE B 411 4.10 -3.98 -11.67
N GLN B 412 3.27 -4.81 -11.07
CA GLN B 412 1.87 -4.49 -10.86
C GLN B 412 1.76 -3.25 -9.94
N LEU B 413 2.53 -3.27 -8.85
CA LEU B 413 2.59 -2.13 -7.94
C LEU B 413 3.00 -0.84 -8.65
N ILE B 414 4.00 -0.94 -9.53
CA ILE B 414 4.49 0.21 -10.27
C ILE B 414 3.44 0.69 -11.27
N LYS B 415 2.79 -0.23 -11.97
CA LYS B 415 1.70 0.13 -12.86
C LYS B 415 0.52 0.79 -12.16
N ASP B 416 0.14 0.27 -10.99
CA ASP B 416 -1.04 0.76 -10.26
C ASP B 416 -0.81 2.11 -9.60
N LEU B 417 0.46 2.41 -9.31
CA LEU B 417 0.81 3.59 -8.51
C LEU B 417 0.29 4.93 -9.05
N PRO B 418 0.44 5.19 -10.37
CA PRO B 418 -0.02 6.48 -10.90
C PRO B 418 -1.50 6.76 -10.70
N GLY B 419 -2.34 5.75 -10.88
CA GLY B 419 -3.77 5.89 -10.64
C GLY B 419 -4.13 6.15 -9.18
N THR B 420 -3.40 5.50 -8.28
CA THR B 420 -3.60 5.64 -6.85
C THR B 420 -3.15 7.04 -6.40
N ALA B 421 -1.92 7.38 -6.75
CA ALA B 421 -1.35 8.68 -6.45
C ALA B 421 -2.21 9.80 -7.02
N ASP B 422 -2.67 9.63 -8.25
CA ASP B 422 -3.52 10.64 -8.90
C ASP B 422 -4.79 10.95 -8.07
N HIS B 423 -5.50 9.92 -7.62
CA HIS B 423 -6.67 10.13 -6.77
C HIS B 423 -6.28 10.91 -5.51
N TYR B 424 -5.16 10.54 -4.89
CA TYR B 424 -4.70 11.23 -3.69
C TYR B 424 -4.43 12.70 -3.97
N TYR B 425 -3.66 12.98 -5.02
CA TYR B 425 -3.34 14.35 -5.41
C TYR B 425 -4.60 15.17 -5.72
N LEU B 426 -5.65 14.53 -6.24
CA LEU B 426 -6.90 15.21 -6.56
C LEU B 426 -7.85 15.42 -5.39
N ILE B 427 -7.74 14.68 -4.30
CA ILE B 427 -8.62 14.87 -3.14
C ILE B 427 -8.73 16.32 -2.65
N PRO B 428 -7.63 17.04 -2.37
CA PRO B 428 -6.25 16.56 -2.42
C PRO B 428 -5.72 16.16 -1.04
N ASP B 429 -4.94 15.08 -0.99
CA ASP B 429 -4.29 14.63 0.24
C ASP B 429 -2.86 14.28 -0.12
N ILE B 430 -1.98 15.26 -0.04
CA ILE B 430 -0.61 15.12 -0.49
C ILE B 430 0.18 14.15 0.37
N GLN B 431 -0.17 14.04 1.65
CA GLN B 431 0.48 13.10 2.56
C GLN B 431 0.26 11.66 2.07
N LYS B 432 -0.99 11.33 1.80
CA LYS B 432 -1.35 10.02 1.27
C LYS B 432 -0.65 9.71 -0.05
N ALA B 433 -0.53 10.71 -0.93
CA ALA B 433 0.16 10.51 -2.20
C ALA B 433 1.63 10.16 -1.96
N ILE B 434 2.27 10.88 -1.04
CA ILE B 434 3.67 10.58 -0.70
C ILE B 434 3.78 9.14 -0.18
N ILE B 435 2.91 8.81 0.78
CA ILE B 435 2.90 7.49 1.41
C ILE B 435 2.75 6.40 0.36
N ALA B 436 1.81 6.58 -0.56
CA ALA B 436 1.59 5.61 -1.62
C ALA B 436 2.86 5.38 -2.44
N VAL B 437 3.53 6.46 -2.82
CA VAL B 437 4.77 6.33 -3.57
C VAL B 437 5.82 5.60 -2.74
N PHE B 438 5.96 5.97 -1.47
CA PHE B 438 6.98 5.35 -0.64
C PHE B 438 6.71 3.88 -0.36
N ASP B 439 5.44 3.47 -0.31
CA ASP B 439 5.11 2.05 -0.23
C ASP B 439 5.75 1.31 -1.40
N VAL B 440 5.65 1.88 -2.60
CA VAL B 440 6.23 1.26 -3.78
C VAL B 440 7.73 1.31 -3.72
N LEU B 441 8.29 2.41 -3.22
CA LEU B 441 9.75 2.47 -3.05
C LEU B 441 10.26 1.39 -2.09
N ARG B 442 9.60 1.24 -0.94
CA ARG B 442 9.95 0.16 -0.01
C ARG B 442 9.89 -1.19 -0.72
N ALA B 443 8.83 -1.43 -1.50
CA ALA B 443 8.69 -2.71 -2.22
C ALA B 443 9.84 -2.99 -3.18
N ILE B 444 10.30 -1.94 -3.89
CA ILE B 444 11.41 -2.05 -4.82
C ILE B 444 12.71 -2.37 -4.05
N ASN B 445 12.92 -1.77 -2.89
CA ASN B 445 14.10 -2.10 -2.06
C ASN B 445 14.09 -3.54 -1.60
N ALA B 446 12.95 -3.98 -1.11
CA ALA B 446 12.69 -5.39 -0.78
C ALA B 446 13.06 -6.30 -1.94
N TYR B 447 12.51 -5.98 -3.12
CA TYR B 447 12.78 -6.73 -4.36
C TYR B 447 14.27 -6.80 -4.65
N VAL B 448 14.95 -5.67 -4.54
CA VAL B 448 16.39 -5.60 -4.82
C VAL B 448 17.17 -6.42 -3.81
N THR B 449 16.80 -6.34 -2.54
CA THR B 449 17.38 -7.20 -1.52
C THR B 449 17.20 -8.71 -1.84
N ASP B 450 16.01 -9.12 -2.24
CA ASP B 450 15.75 -10.52 -2.59
C ASP B 450 16.55 -10.99 -3.80
N MET B 451 16.65 -10.14 -4.83
CA MET B 451 17.29 -10.53 -6.09
C MET B 451 18.81 -10.40 -6.05
N ALA B 452 19.32 -9.54 -5.17
CA ALA B 452 20.75 -9.38 -4.94
C ALA B 452 21.54 -9.15 -6.25
N PRO B 453 21.18 -8.08 -6.98
CA PRO B 453 21.76 -7.86 -8.33
C PRO B 453 23.30 -7.75 -8.34
N TRP B 454 23.88 -7.29 -7.24
CA TRP B 454 25.33 -7.33 -7.03
C TRP B 454 25.95 -8.72 -7.22
N LYS B 455 25.31 -9.76 -6.68
CA LYS B 455 25.72 -11.15 -6.99
C LYS B 455 25.49 -11.52 -8.46
N LEU B 456 24.37 -11.10 -9.02
CA LEU B 456 23.97 -11.49 -10.38
C LEU B 456 24.89 -11.01 -11.50
N VAL B 457 25.72 -10.00 -11.27
CA VAL B 457 26.66 -9.51 -12.31
C VAL B 457 27.57 -10.65 -12.79
N LYS B 458 28.06 -11.45 -11.85
CA LYS B 458 28.86 -12.65 -12.15
C LYS B 458 27.98 -13.92 -12.35
N THR B 459 27.04 -14.19 -11.44
CA THR B 459 26.28 -15.47 -11.47
C THR B 459 25.29 -15.65 -12.62
N ASP B 460 24.58 -14.59 -13.03
CA ASP B 460 23.52 -14.70 -14.05
C ASP B 460 23.21 -13.33 -14.66
N PRO B 461 23.91 -12.96 -15.76
CA PRO B 461 23.73 -11.63 -16.33
C PRO B 461 22.39 -11.42 -17.06
N GLU B 462 21.86 -12.48 -17.68
CA GLU B 462 20.53 -12.44 -18.31
C GLU B 462 19.45 -12.04 -17.27
N ARG B 463 19.52 -12.64 -16.08
CA ARG B 463 18.56 -12.34 -15.02
C ARG B 463 18.67 -10.89 -14.54
N LEU B 464 19.91 -10.43 -14.36
CA LEU B 464 20.17 -9.05 -13.95
C LEU B 464 19.54 -8.03 -14.87
N ARG B 465 19.54 -8.28 -16.17
CA ARG B 465 18.89 -7.37 -17.11
C ARG B 465 17.45 -7.11 -16.69
N THR B 466 16.73 -8.19 -16.39
CA THR B 466 15.36 -8.11 -15.96
C THR B 466 15.22 -7.30 -14.65
N VAL B 467 16.06 -7.62 -13.68
CA VAL B 467 16.01 -7.04 -12.34
C VAL B 467 16.32 -5.55 -12.35
N LEU B 468 17.40 -5.23 -13.06
CA LEU B 468 17.86 -3.87 -13.17
C LEU B 468 16.83 -3.02 -13.87
N TYR B 469 16.29 -3.52 -14.98
CA TYR B 469 15.30 -2.78 -15.76
C TYR B 469 14.06 -2.40 -14.92
N ILE B 470 13.51 -3.38 -14.22
CA ILE B 470 12.37 -3.14 -13.33
C ILE B 470 12.73 -2.10 -12.25
N THR B 471 13.92 -2.23 -11.67
CA THR B 471 14.34 -1.31 -10.61
C THR B 471 14.37 0.11 -11.13
N LEU B 472 15.07 0.30 -12.25
CA LEU B 472 15.14 1.59 -12.93
C LEU B 472 13.76 2.17 -13.21
N GLU B 473 12.88 1.36 -13.77
CA GLU B 473 11.57 1.84 -14.14
C GLU B 473 10.73 2.16 -12.91
N GLY B 474 10.91 1.40 -11.83
CA GLY B 474 10.25 1.70 -10.56
C GLY B 474 10.74 3.03 -10.03
N VAL B 475 12.04 3.23 -10.10
CA VAL B 475 12.63 4.49 -9.66
C VAL B 475 12.12 5.67 -10.52
N ARG B 476 12.03 5.47 -11.82
CA ARG B 476 11.56 6.54 -12.70
C ARG B 476 10.15 6.95 -12.31
N VAL B 477 9.25 5.97 -12.25
CA VAL B 477 7.83 6.24 -12.04
C VAL B 477 7.56 6.83 -10.66
N THR B 478 8.17 6.24 -9.61
CA THR B 478 8.07 6.83 -8.27
C THR B 478 8.58 8.28 -8.27
N THR B 479 9.71 8.51 -8.94
CA THR B 479 10.34 9.82 -8.97
C THR B 479 9.46 10.85 -9.69
N LEU B 480 8.89 10.43 -10.82
CA LEU B 480 7.95 11.26 -11.58
C LEU B 480 6.79 11.71 -10.69
N LEU B 481 6.19 10.77 -9.95
CA LEU B 481 5.07 11.12 -9.07
C LEU B 481 5.48 11.89 -7.82
N LEU B 482 6.76 11.81 -7.43
CA LEU B 482 7.32 12.64 -6.35
C LEU B 482 7.85 14.00 -6.80
N SER B 483 7.90 14.26 -8.11
CA SER B 483 8.54 15.47 -8.59
C SER B 483 7.85 16.78 -8.17
N PRO B 484 6.54 16.75 -7.84
CA PRO B 484 5.97 17.95 -7.24
C PRO B 484 6.45 18.25 -5.82
N ILE B 485 6.89 17.20 -5.10
CA ILE B 485 7.36 17.30 -3.72
C ILE B 485 8.85 17.63 -3.68
N LEU B 486 9.60 17.05 -4.62
CA LEU B 486 11.04 17.17 -4.66
C LEU B 486 11.42 17.64 -6.06
N PRO B 487 11.05 18.89 -6.41
CA PRO B 487 11.27 19.34 -7.80
C PRO B 487 12.75 19.39 -8.27
N ARG B 488 13.67 19.69 -7.37
CA ARG B 488 15.10 19.73 -7.74
C ARG B 488 15.72 18.36 -7.76
N LYS B 489 15.49 17.62 -6.69
CA LYS B 489 16.05 16.27 -6.57
C LYS B 489 15.52 15.32 -7.64
N SER B 490 14.25 15.47 -8.03
CA SER B 490 13.71 14.69 -9.14
C SER B 490 14.50 14.91 -10.41
N VAL B 491 14.89 16.17 -10.67
CA VAL B 491 15.68 16.51 -11.86
C VAL B 491 17.04 15.81 -11.80
N VAL B 492 17.66 15.84 -10.63
CA VAL B 492 18.94 15.15 -10.42
C VAL B 492 18.80 13.64 -10.68
N ILE B 493 17.77 13.04 -10.09
CA ILE B 493 17.54 11.60 -10.24
C ILE B 493 17.36 11.27 -11.74
N PHE B 494 16.52 12.05 -12.43
CA PHE B 494 16.31 11.82 -13.85
C PHE B 494 17.59 11.98 -14.68
N ASP B 495 18.42 12.95 -14.31
CA ASP B 495 19.72 13.12 -14.98
C ASP B 495 20.59 11.90 -14.78
N MET B 496 20.67 11.41 -13.54
CA MET B 496 21.42 10.17 -13.24
C MET B 496 20.89 8.98 -14.05
N LEU B 497 19.57 8.84 -14.09
CA LEU B 497 18.93 7.76 -14.86
C LEU B 497 18.99 7.97 -16.37
N GLY B 498 19.35 9.17 -16.80
CA GLY B 498 19.44 9.49 -18.22
C GLY B 498 18.08 9.56 -18.88
N VAL B 499 17.05 9.93 -18.11
CA VAL B 499 15.70 10.03 -18.65
C VAL B 499 15.65 11.29 -19.52
N PRO B 500 15.36 11.14 -20.82
CA PRO B 500 15.18 12.33 -21.66
C PRO B 500 14.10 13.29 -21.12
N GLU B 501 14.27 14.59 -21.40
CA GLU B 501 13.34 15.64 -20.94
C GLU B 501 11.88 15.34 -21.24
N VAL B 502 11.62 14.93 -22.48
CA VAL B 502 10.27 14.63 -22.92
C VAL B 502 9.56 13.58 -22.06
N HIS B 503 10.31 12.66 -21.47
CA HIS B 503 9.72 11.63 -20.62
C HIS B 503 9.52 12.04 -19.15
N ARG B 504 9.88 13.28 -18.80
CA ARG B 504 9.79 13.77 -17.41
C ARG B 504 8.47 14.43 -17.10
N LYS B 505 7.58 14.49 -18.07
CA LYS B 505 6.34 15.23 -17.98
C LYS B 505 5.30 14.51 -18.82
N GLY B 506 4.01 14.62 -18.48
CA GLY B 506 2.93 14.08 -19.31
C GLY B 506 2.36 12.76 -18.80
N ILE B 507 1.04 12.67 -18.82
CA ILE B 507 0.31 11.48 -18.36
C ILE B 507 0.71 10.21 -19.14
N GLU B 508 1.06 10.39 -20.41
CA GLU B 508 1.60 9.30 -21.23
C GLU B 508 2.85 8.62 -20.58
N ASN B 509 3.67 9.39 -19.86
CA ASN B 509 4.87 8.83 -19.18
C ASN B 509 4.68 8.27 -17.77
N PHE B 510 3.44 8.30 -17.27
CA PHE B 510 3.04 7.52 -16.10
C PHE B 510 3.05 6.02 -16.40
N GLU B 511 2.90 5.65 -17.68
CA GLU B 511 2.83 4.25 -18.11
C GLU B 511 4.16 3.53 -17.93
N PHE B 512 4.07 2.28 -17.49
CA PHE B 512 5.22 1.43 -17.34
C PHE B 512 5.84 1.20 -18.72
N GLY B 513 7.16 1.33 -18.80
CA GLY B 513 7.91 1.06 -20.03
C GLY B 513 8.11 2.21 -20.98
N ALA B 514 7.85 3.44 -20.54
CA ALA B 514 7.90 4.61 -21.43
C ALA B 514 9.31 5.03 -21.84
N VAL B 515 10.31 4.60 -21.07
CA VAL B 515 11.71 4.83 -21.41
C VAL B 515 12.27 3.54 -22.00
N PRO B 516 12.72 3.58 -23.27
CA PRO B 516 13.12 2.36 -23.95
C PRO B 516 14.49 1.84 -23.49
N PRO B 517 14.64 0.50 -23.46
CA PRO B 517 15.95 -0.08 -23.20
C PRO B 517 17.00 0.45 -24.19
N GLY B 518 18.22 0.67 -23.71
CA GLY B 518 19.29 1.23 -24.53
C GLY B 518 19.58 2.67 -24.18
N THR B 519 18.66 3.33 -23.49
CA THR B 519 18.90 4.66 -22.96
C THR B 519 20.16 4.65 -22.10
N ARG B 520 21.09 5.57 -22.35
CA ARG B 520 22.30 5.67 -21.53
C ARG B 520 22.03 6.46 -20.27
N LEU B 521 22.64 6.07 -19.16
CA LEU B 521 22.56 6.83 -17.92
C LEU B 521 23.31 8.15 -18.07
N GLY B 522 23.11 9.05 -17.11
CA GLY B 522 23.85 10.31 -17.06
C GLY B 522 25.24 10.04 -16.49
N PRO B 523 26.18 10.98 -16.72
CA PRO B 523 27.48 10.86 -16.04
C PRO B 523 27.34 10.91 -14.52
N ALA B 524 28.23 10.22 -13.80
CA ALA B 524 28.33 10.39 -12.35
C ALA B 524 29.37 11.46 -12.10
N VAL B 525 29.47 11.93 -10.86
CA VAL B 525 30.60 12.74 -10.39
C VAL B 525 31.14 12.05 -9.12
N GLU B 526 32.47 11.91 -9.03
CA GLU B 526 33.13 11.11 -7.99
C GLU B 526 32.88 11.68 -6.59
N GLY B 527 32.22 10.92 -5.73
CA GLY B 527 31.92 11.33 -4.36
C GLY B 527 30.59 12.05 -4.11
N GLU B 528 29.74 12.19 -5.14
CA GLU B 528 28.37 12.75 -4.96
C GLU B 528 27.38 11.85 -4.18
N VAL B 529 26.54 12.51 -3.39
CA VAL B 529 25.37 11.91 -2.72
C VAL B 529 24.13 12.68 -3.14
N LEU B 530 22.99 12.02 -3.06
CA LEU B 530 21.71 12.60 -3.44
C LEU B 530 21.06 13.28 -2.23
N PHE B 531 20.97 12.54 -1.13
CA PHE B 531 20.66 13.08 0.19
C PHE B 531 21.72 12.56 1.16
N SER B 532 22.50 13.47 1.75
CA SER B 532 23.50 13.11 2.76
C SER B 532 22.81 12.94 4.11
N LYS B 533 23.09 11.83 4.79
CA LYS B 533 22.49 11.56 6.11
C LYS B 533 23.11 12.50 7.14
N ARG B 534 22.41 12.72 8.26
CA ARG B 534 22.89 13.61 9.32
C ARG B 534 22.95 12.90 10.67
N SER B 535 23.78 13.46 11.56
CA SER B 535 24.17 12.83 12.82
C SER B 535 23.03 12.87 13.85
N THR B 536 23.16 11.98 14.84
CA THR B 536 22.07 11.48 15.70
C THR B 536 22.53 11.45 17.16
N MET C . 9.91 -37.89 4.34
CA MET C . 10.64 -36.64 4.15
C MET C . 10.69 -35.83 5.44
O MET C . 11.48 -34.83 5.47
CB MET C . 9.98 -35.80 3.04
CG MET C . 9.94 -36.50 1.69
SD MET C . 9.17 -35.49 0.42
CE MET C . 9.28 -36.57 -0.99
OXT MET C . 9.96 -36.21 6.40
C1 GOL D . 4.01 -5.78 10.91
O1 GOL D . 3.02 -6.13 11.88
C2 GOL D . 4.80 -7.06 10.69
O2 GOL D . 5.36 -7.43 11.95
C3 GOL D . 5.88 -6.82 9.66
O3 GOL D . 6.23 -8.10 9.09
C1 GOL E . 4.70 -18.76 1.73
O1 GOL E . 5.51 -19.86 2.17
C2 GOL E . 4.99 -17.52 2.58
O2 GOL E . 6.35 -17.50 3.03
C3 GOL E . 4.07 -17.46 3.81
O3 GOL E . 4.28 -18.49 4.80
S DMS F . 21.61 -27.52 -1.52
O DMS F . 22.30 -26.22 -1.43
C1 DMS F . 22.60 -28.74 -0.85
C2 DMS F . 20.26 -27.40 -0.49
S DMS G . 19.72 -29.62 2.63
O DMS G . 20.66 -29.82 1.52
C1 DMS G . 20.14 -28.22 3.55
C2 DMS G . 18.24 -29.13 1.99
C1 GOL H . 4.85 7.54 10.90
O1 GOL H . 5.79 7.19 9.90
C2 GOL H . 3.57 7.72 10.12
O2 GOL H . 2.85 8.81 10.65
C3 GOL H . 2.75 6.44 10.19
O3 GOL H . 1.97 6.30 9.00
S DMS I . 7.61 32.33 -8.01
O DMS I . 6.84 31.43 -7.11
C1 DMS I . 9.25 32.40 -7.49
C2 DMS I . 7.84 31.66 -9.58
CL2 N56 J . -12.45 37.32 3.97
C16 N56 J . -10.78 36.78 3.94
C17 N56 J . -10.27 36.28 2.75
C N56 J . -8.96 35.87 2.76
CL N56 J . -8.27 35.23 1.30
C15 N56 J . -10.02 36.88 5.08
C2 N56 J . -8.70 36.46 5.06
C1 N56 J . -8.17 35.95 3.89
C3 N56 J . -7.86 36.56 6.31
N N56 J . -7.02 37.77 6.32
C4 N56 J . -7.72 38.96 6.84
C8 N56 J . -6.69 40.08 6.87
N1 N56 J . -7.29 41.30 7.41
C7 N56 J . -7.79 41.13 8.78
C6 N56 J . -8.80 40.00 8.84
C5 N56 J . -8.21 38.73 8.24
C9 N56 J . -7.89 42.19 6.58
N4 N56 J . -7.88 42.08 5.23
C14 N56 J . -8.60 43.16 4.73
C10 N56 J . -9.01 43.87 5.84
N2 N56 J . -8.56 43.24 6.98
C13 N56 J . -8.92 43.60 3.46
C12 N56 J . -9.67 44.76 3.34
C11 N56 J . -10.04 45.39 4.51
N3 N56 J . -9.74 45.00 5.74
CL1 N56 J . -10.99 46.85 4.41
#